data_4WDI
#
_entry.id   4WDI
#
_cell.length_a   46.930
_cell.length_b   62.690
_cell.length_c   72.670
_cell.angle_alpha   68.110
_cell.angle_beta   85.790
_cell.angle_gamma   85.180
#
_symmetry.space_group_name_H-M   'P 1'
#
loop_
_entity.id
_entity.type
_entity.pdbx_description
1 polymer 'H-2 class I histocompatibility antigen, K-D alpha chain'
2 polymer Beta-2-microglobulin
3 polymer Insulin
4 non-polymer 1,2-ETHANEDIOL
5 non-polymer 'SULFATE ION'
6 water water
#
loop_
_entity_poly.entity_id
_entity_poly.type
_entity_poly.pdbx_seq_one_letter_code
_entity_poly.pdbx_strand_id
1 'polypeptide(L)'
;MGPHSLRYFVTAVSRPGLGEPRFIAVGYVDDTQFVRFDSDADNPRFEPRAPWMEQEGPEYWEEQTQRAKSDEQWFRVSLR
TAQRYYNQSKGGSHTFQRMFGCDVGSDWRLLRGYHQFAYDGRDYIALNEDLKTWTAADTAALITRRKWEQAGDAEYYRAY
LEGECVEWLRRYLELGNETLLRTDSPKAHVTYHPRSQVDVTLRCWALGFYPADITLTWQLNGEDLTQDMELVETRPAGDG
TFQKWAAVVVPLGKEQNYTCHVHHKGLPEPLTLRWKP
;
A,D
2 'polypeptide(L)'
;MIQRTPKIQVYSRHPAENGKSNFLNCYVSGFHPSDIEVDLLKNGERIEKVEHSDLSFSKDWSFYLLYYTEFTPTEKDEYA
CRVNHVTLSQPKIVKWDRDM
;
B,E
3 'polypeptide(L)' LYLVCGERG C,F
#
loop_
_chem_comp.id
_chem_comp.type
_chem_comp.name
_chem_comp.formula
EDO non-polymer 1,2-ETHANEDIOL 'C2 H6 O2'
SO4 non-polymer 'SULFATE ION' 'O4 S -2'
#
# COMPACT_ATOMS: atom_id res chain seq x y z
N MET A 1 -13.23 -30.76 -15.57
CA MET A 1 -12.10 -31.55 -14.97
C MET A 1 -11.33 -30.74 -13.92
N GLY A 2 -11.21 -31.30 -12.71
CA GLY A 2 -10.44 -30.65 -11.64
C GLY A 2 -11.10 -29.36 -11.17
N PRO A 3 -10.40 -28.58 -10.35
CA PRO A 3 -10.99 -27.37 -9.77
C PRO A 3 -11.31 -26.33 -10.84
N HIS A 4 -12.35 -25.54 -10.63
CA HIS A 4 -12.67 -24.44 -11.53
C HIS A 4 -13.06 -23.16 -10.79
N SER A 5 -12.95 -22.04 -11.48
CA SER A 5 -13.31 -20.79 -10.84
C SER A 5 -14.10 -19.91 -11.78
N LEU A 6 -15.04 -19.19 -11.19
CA LEU A 6 -15.75 -18.14 -11.86
C LEU A 6 -15.45 -16.93 -11.02
N ARG A 7 -14.87 -15.91 -11.64
CA ARG A 7 -14.37 -14.73 -10.95
C ARG A 7 -14.76 -13.46 -11.70
N TYR A 8 -15.08 -12.39 -10.96
CA TYR A 8 -15.40 -11.07 -11.53
C TYR A 8 -14.52 -10.01 -10.87
N PHE A 9 -13.85 -9.19 -11.67
CA PHE A 9 -13.02 -8.12 -11.19
C PHE A 9 -13.61 -6.78 -11.62
N VAL A 10 -14.05 -6.01 -10.64
CA VAL A 10 -14.74 -4.78 -10.85
C VAL A 10 -13.87 -3.67 -10.34
N THR A 11 -13.75 -2.61 -11.14
CA THR A 11 -12.91 -1.49 -10.73
C THR A 11 -13.66 -0.22 -11.01
N ALA A 12 -13.76 0.65 -10.01
CA ALA A 12 -14.38 1.96 -10.18
C ALA A 12 -13.38 3.03 -9.77
N VAL A 13 -13.08 3.98 -10.66
CA VAL A 13 -12.08 5.03 -10.38
C VAL A 13 -12.72 6.40 -10.55
N SER A 14 -12.74 7.17 -9.48
CA SER A 14 -13.44 8.44 -9.46
C SER A 14 -12.64 9.50 -10.20
N ARG A 15 -13.37 10.38 -10.85
CA ARG A 15 -12.81 11.53 -11.50
C ARG A 15 -13.67 12.70 -11.01
N PRO A 16 -13.29 13.33 -9.87
CA PRO A 16 -13.91 14.60 -9.49
C PRO A 16 -13.32 15.70 -10.36
N GLY A 17 -14.19 16.54 -10.94
CA GLY A 17 -13.90 17.24 -12.19
C GLY A 17 -14.02 16.15 -13.23
N LEU A 18 -13.71 16.42 -14.50
CA LEU A 18 -13.48 15.33 -15.48
C LEU A 18 -14.60 14.26 -15.71
N GLY A 19 -15.79 14.42 -15.12
CA GLY A 19 -16.93 13.52 -15.39
C GLY A 19 -17.07 12.37 -14.39
N GLU A 20 -18.23 11.71 -14.43
CA GLU A 20 -18.60 10.57 -13.54
C GLU A 20 -17.44 9.60 -13.31
N PRO A 21 -17.57 8.65 -12.36
CA PRO A 21 -16.45 7.72 -12.22
C PRO A 21 -16.41 6.73 -13.37
N ARG A 22 -15.21 6.21 -13.68
CA ARG A 22 -15.07 5.12 -14.63
C ARG A 22 -15.25 3.79 -13.93
N PHE A 23 -16.05 2.93 -14.52
CA PHE A 23 -16.42 1.67 -13.90
C PHE A 23 -16.24 0.56 -14.92
N ILE A 24 -15.54 -0.50 -14.52
CA ILE A 24 -15.20 -1.61 -15.40
C ILE A 24 -15.47 -2.94 -14.71
N ALA A 25 -16.23 -3.80 -15.39
CA ALA A 25 -16.41 -5.17 -14.94
C ALA A 25 -15.89 -6.12 -16.02
N VAL A 26 -15.06 -7.07 -15.60
CA VAL A 26 -14.48 -8.08 -16.48
C VAL A 26 -14.68 -9.43 -15.80
N GLY A 27 -15.12 -10.43 -16.56
CA GLY A 27 -15.32 -11.76 -16.00
C GLY A 27 -14.34 -12.79 -16.54
N TYR A 28 -13.88 -13.70 -15.69
CA TYR A 28 -13.11 -14.85 -16.10
C TYR A 28 -13.76 -16.17 -15.66
N VAL A 29 -13.42 -17.23 -16.40
CA VAL A 29 -13.59 -18.60 -15.94
C VAL A 29 -12.18 -19.22 -15.98
N ASP A 30 -11.68 -19.64 -14.82
CA ASP A 30 -10.30 -20.09 -14.70
C ASP A 30 -9.35 -18.98 -15.19
N ASP A 31 -8.35 -19.32 -16.00
CA ASP A 31 -7.41 -18.37 -16.60
C ASP A 31 -7.94 -17.58 -17.82
N THR A 32 -9.20 -17.79 -18.21
CA THR A 32 -9.70 -17.29 -19.49
C THR A 32 -10.82 -16.28 -19.23
N GLN A 33 -10.65 -15.08 -19.78
CA GLN A 33 -11.66 -14.02 -19.68
C GLN A 33 -12.75 -14.32 -20.67
N PHE A 34 -13.98 -14.06 -20.25
CA PHE A 34 -15.16 -14.36 -21.07
C PHE A 34 -16.18 -13.21 -21.26
N VAL A 35 -16.15 -12.17 -20.43
CA VAL A 35 -17.15 -11.07 -20.53
C VAL A 35 -16.60 -9.73 -20.09
N ARG A 36 -17.15 -8.63 -20.61
CA ARG A 36 -16.79 -7.30 -20.13
C ARG A 36 -17.94 -6.28 -20.14
N PHE A 37 -17.93 -5.41 -19.13
CA PHE A 37 -18.67 -4.16 -19.14
C PHE A 37 -17.69 -3.01 -18.94
N ASP A 38 -17.84 -1.93 -19.73
CA ASP A 38 -16.95 -0.77 -19.60
C ASP A 38 -17.75 0.53 -19.82
N SER A 39 -17.72 1.41 -18.82
CA SER A 39 -18.50 2.65 -18.80
C SER A 39 -18.04 3.72 -19.79
N ASP A 40 -16.75 3.78 -20.09
CA ASP A 40 -16.27 4.74 -21.10
C ASP A 40 -16.70 4.40 -22.54
N ALA A 41 -17.21 3.19 -22.77
CA ALA A 41 -17.59 2.73 -24.11
C ALA A 41 -18.68 3.60 -24.75
N ASP A 42 -18.49 3.96 -26.02
CA ASP A 42 -19.44 4.82 -26.72
C ASP A 42 -20.86 4.32 -26.44
N ASN A 43 -21.09 3.04 -26.75
CA ASN A 43 -22.33 2.37 -26.41
C ASN A 43 -22.08 1.42 -25.22
N PRO A 44 -22.18 1.93 -23.98
CA PRO A 44 -21.78 1.14 -22.83
C PRO A 44 -22.70 -0.06 -22.49
N ARG A 45 -22.24 -1.27 -22.84
CA ARG A 45 -22.94 -2.52 -22.46
C ARG A 45 -22.01 -3.66 -22.00
N PHE A 46 -22.65 -4.70 -21.46
CA PHE A 46 -22.01 -5.98 -21.07
C PHE A 46 -21.75 -6.86 -22.30
N GLU A 47 -20.49 -7.21 -22.52
CA GLU A 47 -20.04 -7.81 -23.79
C GLU A 47 -19.38 -9.17 -23.62
N PRO A 48 -19.33 -9.96 -24.72
CA PRO A 48 -18.49 -11.17 -24.76
C PRO A 48 -17.04 -10.83 -25.07
N ARG A 49 -16.13 -11.57 -24.43
CA ARG A 49 -14.70 -11.46 -24.70
C ARG A 49 -14.11 -12.86 -24.90
N ALA A 50 -14.90 -13.73 -25.49
CA ALA A 50 -14.56 -15.11 -25.77
C ALA A 50 -15.65 -15.66 -26.70
N PRO A 51 -15.31 -15.97 -27.97
CA PRO A 51 -16.33 -16.22 -29.03
C PRO A 51 -17.46 -17.13 -28.59
N TRP A 52 -17.10 -18.17 -27.85
CA TRP A 52 -18.10 -19.11 -27.31
C TRP A 52 -19.25 -18.52 -26.46
N MET A 53 -19.08 -17.30 -25.96
CA MET A 53 -20.16 -16.61 -25.23
C MET A 53 -21.23 -16.04 -26.14
N GLU A 54 -20.91 -15.84 -27.42
CA GLU A 54 -21.90 -15.40 -28.41
C GLU A 54 -23.01 -16.44 -28.60
N GLN A 55 -22.85 -17.58 -27.94
CA GLN A 55 -23.92 -18.59 -27.84
C GLN A 55 -25.10 -18.13 -26.97
N GLU A 56 -24.77 -17.45 -25.88
CA GLU A 56 -25.77 -17.03 -24.89
C GLU A 56 -26.64 -15.92 -25.49
N GLY A 57 -27.96 -16.02 -25.25
CA GLY A 57 -28.94 -15.16 -25.88
C GLY A 57 -28.99 -13.72 -25.40
N PRO A 58 -29.83 -12.90 -26.05
CA PRO A 58 -29.87 -11.44 -25.94
C PRO A 58 -30.40 -10.87 -24.62
N GLU A 59 -31.24 -11.65 -23.93
CA GLU A 59 -31.80 -11.22 -22.64
C GLU A 59 -30.74 -11.40 -21.55
N TYR A 60 -29.92 -12.43 -21.68
CA TYR A 60 -28.78 -12.59 -20.80
C TYR A 60 -27.96 -11.28 -20.84
N TRP A 61 -27.53 -10.88 -22.03
CA TRP A 61 -26.73 -9.67 -22.19
C TRP A 61 -27.45 -8.46 -21.66
N GLU A 62 -28.73 -8.36 -21.96
CA GLU A 62 -29.53 -7.24 -21.50
C GLU A 62 -29.64 -7.24 -19.98
N GLU A 63 -29.94 -8.41 -19.42
CA GLU A 63 -30.04 -8.58 -17.98
C GLU A 63 -28.69 -8.36 -17.27
N GLN A 64 -27.60 -8.86 -17.85
CA GLN A 64 -26.27 -8.63 -17.28
C GLN A 64 -25.93 -7.16 -17.37
N THR A 65 -26.28 -6.54 -18.50
CA THR A 65 -25.99 -5.14 -18.68
C THR A 65 -26.64 -4.33 -17.59
N GLN A 66 -27.90 -4.66 -17.28
CA GLN A 66 -28.67 -3.85 -16.34
C GLN A 66 -28.09 -4.00 -14.93
N ARG A 67 -27.82 -5.24 -14.54
CA ARG A 67 -27.17 -5.54 -13.27
C ARG A 67 -25.82 -4.81 -13.12
N ALA A 68 -25.07 -4.70 -14.23
CA ALA A 68 -23.82 -3.94 -14.25
C ALA A 68 -24.05 -2.43 -14.06
N LYS A 69 -25.24 -1.94 -14.38
CA LYS A 69 -25.52 -0.51 -14.27
C LYS A 69 -25.82 -0.09 -12.84
N SER A 70 -26.60 -0.90 -12.11
CA SER A 70 -26.89 -0.63 -10.69
C SER A 70 -25.59 -0.45 -9.95
N ASP A 71 -24.63 -1.31 -10.24
CA ASP A 71 -23.35 -1.28 -9.55
C ASP A 71 -22.51 -0.06 -9.88
N GLU A 72 -22.65 0.47 -11.09
CA GLU A 72 -21.96 1.69 -11.42
C GLU A 72 -22.42 2.74 -10.41
N GLN A 73 -23.73 2.81 -10.21
CA GLN A 73 -24.35 3.70 -9.24
C GLN A 73 -23.96 3.42 -7.79
N TRP A 74 -24.01 2.15 -7.40
CA TRP A 74 -23.59 1.73 -6.08
C TRP A 74 -22.17 2.26 -5.88
N PHE A 75 -21.29 2.02 -6.85
CA PHE A 75 -19.88 2.45 -6.74
C PHE A 75 -19.73 3.97 -6.75
N ARG A 76 -20.61 4.68 -7.45
CA ARG A 76 -20.66 6.15 -7.39
C ARG A 76 -20.88 6.67 -5.93
N VAL A 77 -21.90 6.11 -5.28
CA VAL A 77 -22.23 6.43 -3.90
C VAL A 77 -21.13 5.96 -2.98
N SER A 78 -20.80 4.67 -3.06
CA SER A 78 -19.86 4.10 -2.12
C SER A 78 -18.52 4.84 -2.16
N LEU A 79 -18.21 5.50 -3.27
CA LEU A 79 -16.98 6.31 -3.37
C LEU A 79 -17.07 7.68 -2.67
N ARG A 80 -18.20 8.35 -2.79
CA ARG A 80 -18.41 9.61 -2.11
C ARG A 80 -18.42 9.30 -0.60
N THR A 81 -19.20 8.27 -0.25
CA THR A 81 -19.26 7.76 1.10
C THR A 81 -17.85 7.59 1.65
N ALA A 82 -17.03 6.74 1.01
CA ALA A 82 -15.67 6.45 1.50
C ALA A 82 -14.79 7.68 1.56
N GLN A 83 -15.02 8.60 0.65
CA GLN A 83 -14.28 9.85 0.66
C GLN A 83 -14.49 10.60 1.98
N ARG A 84 -15.73 10.63 2.47
CA ARG A 84 -16.05 11.23 3.79
C ARG A 84 -15.46 10.47 4.99
N TYR A 85 -15.57 9.15 4.99
CA TYR A 85 -15.14 8.38 6.14
C TYR A 85 -13.66 8.63 6.42
N TYR A 86 -12.87 8.65 5.35
CA TYR A 86 -11.45 8.95 5.45
C TYR A 86 -11.10 10.43 5.53
N ASN A 87 -12.12 11.30 5.43
CA ASN A 87 -11.95 12.75 5.58
C ASN A 87 -11.04 13.30 4.49
N GLN A 88 -11.19 12.80 3.27
CA GLN A 88 -10.36 13.25 2.16
C GLN A 88 -10.92 14.49 1.43
N SER A 89 -10.00 15.27 0.86
CA SER A 89 -10.32 16.25 -0.18
C SER A 89 -11.37 15.72 -1.19
N LYS A 90 -12.20 16.64 -1.67
CA LYS A 90 -13.20 16.28 -2.69
C LYS A 90 -12.61 16.16 -4.10
N GLY A 91 -11.41 16.73 -4.31
CA GLY A 91 -10.75 16.77 -5.62
C GLY A 91 -9.71 15.68 -5.93
N GLY A 92 -9.62 14.65 -5.08
CA GLY A 92 -8.67 13.53 -5.34
C GLY A 92 -9.37 12.38 -6.04
N SER A 93 -8.77 11.84 -7.09
CA SER A 93 -9.19 10.53 -7.66
C SER A 93 -8.91 9.36 -6.69
N HIS A 94 -9.80 8.37 -6.63
CA HIS A 94 -9.64 7.21 -5.73
C HIS A 94 -10.24 5.96 -6.29
N THR A 95 -9.80 4.81 -5.80
CA THR A 95 -10.18 3.57 -6.43
C THR A 95 -10.84 2.60 -5.49
N PHE A 96 -12.05 2.19 -5.86
CA PHE A 96 -12.69 1.03 -5.26
C PHE A 96 -12.56 -0.16 -6.20
N GLN A 97 -12.16 -1.30 -5.66
CA GLN A 97 -12.27 -2.53 -6.41
C GLN A 97 -13.19 -3.48 -5.67
N ARG A 98 -13.65 -4.48 -6.39
CA ARG A 98 -14.45 -5.54 -5.84
C ARG A 98 -14.17 -6.78 -6.61
N MET A 99 -13.88 -7.86 -5.90
CA MET A 99 -13.79 -9.15 -6.56
C MET A 99 -14.80 -10.10 -5.91
N PHE A 100 -15.42 -10.93 -6.74
CA PHE A 100 -16.28 -11.94 -6.21
C PHE A 100 -16.34 -13.19 -7.07
N GLY A 101 -16.96 -14.24 -6.53
CA GLY A 101 -17.22 -15.43 -7.31
C GLY A 101 -16.87 -16.68 -6.53
N CYS A 102 -16.74 -17.80 -7.24
CA CYS A 102 -16.62 -19.11 -6.60
C CYS A 102 -15.54 -20.02 -7.20
N ASP A 103 -14.81 -20.68 -6.29
CA ASP A 103 -13.95 -21.78 -6.62
C ASP A 103 -14.64 -23.05 -6.16
N VAL A 104 -14.87 -23.97 -7.10
CA VAL A 104 -15.38 -25.31 -6.80
C VAL A 104 -14.29 -26.34 -7.06
N GLY A 105 -14.39 -27.51 -6.44
CA GLY A 105 -13.50 -28.63 -6.74
C GLY A 105 -14.06 -29.43 -7.92
N SER A 106 -13.42 -30.55 -8.24
CA SER A 106 -13.86 -31.36 -9.37
C SER A 106 -15.30 -31.88 -9.20
N ASP A 107 -15.70 -32.12 -7.94
CA ASP A 107 -17.04 -32.64 -7.64
C ASP A 107 -18.02 -31.50 -7.39
N TRP A 108 -17.66 -30.30 -7.85
CA TRP A 108 -18.51 -29.14 -7.71
C TRP A 108 -18.76 -28.72 -6.25
N ARG A 109 -18.04 -29.32 -5.29
CA ARG A 109 -18.02 -28.81 -3.90
C ARG A 109 -17.39 -27.40 -3.90
N LEU A 110 -18.10 -26.42 -3.34
CA LEU A 110 -17.54 -25.08 -3.21
C LEU A 110 -16.31 -25.15 -2.32
N LEU A 111 -15.14 -24.97 -2.91
CA LEU A 111 -13.90 -24.85 -2.14
C LEU A 111 -13.81 -23.55 -1.33
N ARG A 112 -14.40 -22.47 -1.83
CA ARG A 112 -14.25 -21.14 -1.21
C ARG A 112 -15.02 -20.17 -2.07
N GLY A 113 -15.79 -19.27 -1.45
CA GLY A 113 -16.54 -18.21 -2.16
C GLY A 113 -16.03 -16.84 -1.74
N TYR A 114 -16.08 -15.85 -2.64
CA TYR A 114 -15.52 -14.52 -2.37
C TYR A 114 -16.46 -13.36 -2.72
N HIS A 115 -16.40 -12.38 -1.83
CA HIS A 115 -17.03 -11.07 -2.04
C HIS A 115 -16.25 -10.07 -1.18
N GLN A 116 -15.34 -9.34 -1.82
CA GLN A 116 -14.28 -8.59 -1.15
C GLN A 116 -14.13 -7.27 -1.84
N PHE A 117 -13.58 -6.29 -1.11
CA PHE A 117 -13.45 -4.93 -1.66
C PHE A 117 -12.11 -4.38 -1.25
N ALA A 118 -11.54 -3.57 -2.13
CA ALA A 118 -10.39 -2.75 -1.80
C ALA A 118 -10.66 -1.29 -2.13
N TYR A 119 -9.95 -0.41 -1.39
CA TYR A 119 -10.02 1.04 -1.54
C TYR A 119 -8.63 1.57 -1.67
N ASP A 120 -8.33 2.33 -2.72
CA ASP A 120 -6.99 2.86 -2.87
C ASP A 120 -5.88 1.83 -2.57
N GLY A 121 -6.04 0.60 -3.06
CA GLY A 121 -4.93 -0.39 -3.03
C GLY A 121 -4.84 -1.29 -1.81
N ARG A 122 -5.70 -1.04 -0.82
CA ARG A 122 -5.76 -1.89 0.35
C ARG A 122 -7.15 -2.46 0.61
N ASP A 123 -7.15 -3.70 1.11
CA ASP A 123 -8.34 -4.29 1.73
C ASP A 123 -9.17 -3.27 2.47
N TYR A 124 -10.47 -3.31 2.22
CA TYR A 124 -11.37 -2.44 2.89
C TYR A 124 -12.33 -3.28 3.78
N ILE A 125 -13.02 -4.20 3.15
CA ILE A 125 -13.89 -5.10 3.87
C ILE A 125 -14.06 -6.31 2.99
N ALA A 126 -14.16 -7.46 3.64
CA ALA A 126 -14.27 -8.71 2.93
C ALA A 126 -15.31 -9.58 3.60
N LEU A 127 -16.09 -10.29 2.81
CA LEU A 127 -16.91 -11.33 3.39
C LEU A 127 -15.98 -12.52 3.71
N ASN A 128 -15.97 -12.99 4.95
CA ASN A 128 -15.10 -14.08 5.34
C ASN A 128 -15.54 -15.36 4.67
N GLU A 129 -14.62 -16.33 4.73
CA GLU A 129 -14.73 -17.65 4.16
C GLU A 129 -15.91 -18.46 4.74
N ASP A 130 -16.35 -18.13 5.96
CA ASP A 130 -17.58 -18.74 6.51
C ASP A 130 -18.84 -18.36 5.75
N LEU A 131 -18.72 -17.31 4.91
CA LEU A 131 -19.85 -16.69 4.18
C LEU A 131 -20.95 -16.16 5.11
N LYS A 132 -20.60 -15.80 6.34
CA LYS A 132 -21.55 -15.22 7.30
C LYS A 132 -21.04 -14.00 8.07
N THR A 133 -19.73 -13.81 8.15
CA THR A 133 -19.20 -12.74 8.95
C THR A 133 -18.24 -11.97 8.06
N TRP A 134 -18.04 -10.71 8.41
CA TRP A 134 -17.37 -9.76 7.56
C TRP A 134 -16.10 -9.42 8.23
N THR A 135 -15.09 -9.10 7.43
CA THR A 135 -13.86 -8.58 8.01
C THR A 135 -13.56 -7.21 7.46
N ALA A 136 -13.42 -6.25 8.36
CA ALA A 136 -13.10 -4.88 8.01
C ALA A 136 -11.64 -4.58 8.23
N ALA A 137 -11.01 -3.83 7.33
CA ALA A 137 -9.54 -3.60 7.40
C ALA A 137 -9.15 -2.49 8.36
N ASP A 138 -10.11 -1.63 8.64
CA ASP A 138 -9.87 -0.50 9.49
C ASP A 138 -11.21 0.00 10.03
N THR A 139 -11.12 0.99 10.90
CA THR A 139 -12.33 1.50 11.53
C THR A 139 -13.31 2.16 10.55
N ALA A 140 -12.82 2.73 9.46
CA ALA A 140 -13.71 3.26 8.42
C ALA A 140 -14.60 2.16 7.89
N ALA A 141 -13.98 1.02 7.60
CA ALA A 141 -14.69 -0.12 7.14
C ALA A 141 -15.67 -0.67 8.21
N LEU A 142 -15.50 -0.27 9.49
CA LEU A 142 -16.42 -0.71 10.52
C LEU A 142 -17.81 -0.14 10.26
N ILE A 143 -17.85 1.07 9.69
CA ILE A 143 -19.10 1.77 9.51
C ILE A 143 -19.88 0.96 8.49
N THR A 144 -19.22 0.68 7.35
CA THR A 144 -19.79 -0.14 6.31
C THR A 144 -20.22 -1.50 6.86
N ARG A 145 -19.29 -2.16 7.59
CA ARG A 145 -19.53 -3.51 8.12
C ARG A 145 -20.85 -3.55 8.90
N ARG A 146 -21.03 -2.60 9.80
CA ARG A 146 -22.27 -2.49 10.58
C ARG A 146 -23.55 -2.34 9.73
N LYS A 147 -23.52 -1.57 8.65
CA LYS A 147 -24.69 -1.49 7.77
C LYS A 147 -25.03 -2.88 7.20
N TRP A 148 -24.00 -3.62 6.81
CA TRP A 148 -24.23 -4.86 6.06
C TRP A 148 -24.66 -6.00 6.95
N GLU A 149 -24.16 -6.04 8.17
CA GLU A 149 -24.73 -6.98 9.17
C GLU A 149 -26.20 -6.62 9.45
N GLN A 150 -26.44 -5.34 9.72
CA GLN A 150 -27.78 -4.81 9.98
C GLN A 150 -28.78 -5.15 8.84
N ALA A 151 -28.33 -5.02 7.59
CA ALA A 151 -29.17 -5.32 6.42
C ALA A 151 -29.18 -6.83 6.08
N GLY A 152 -28.21 -7.57 6.63
CA GLY A 152 -28.15 -9.02 6.56
C GLY A 152 -27.64 -9.54 5.24
N ASP A 153 -26.81 -8.75 4.56
CA ASP A 153 -26.40 -9.06 3.17
C ASP A 153 -25.58 -10.35 2.99
N ALA A 154 -24.87 -10.75 4.06
CA ALA A 154 -24.08 -11.99 4.12
C ALA A 154 -24.83 -13.21 3.55
N GLU A 155 -26.11 -13.27 3.91
CA GLU A 155 -26.94 -14.36 3.51
C GLU A 155 -27.36 -14.20 2.03
N TYR A 156 -27.43 -12.96 1.55
CA TYR A 156 -27.72 -12.71 0.13
C TYR A 156 -26.51 -13.06 -0.78
N TYR A 157 -25.28 -12.78 -0.34
CA TYR A 157 -24.08 -13.19 -1.10
C TYR A 157 -23.77 -14.72 -0.95
N ARG A 158 -24.11 -15.30 0.20
CA ARG A 158 -23.81 -16.71 0.48
C ARG A 158 -24.63 -17.58 -0.47
N ALA A 159 -25.95 -17.47 -0.36
CA ALA A 159 -26.87 -18.21 -1.23
C ALA A 159 -26.45 -18.10 -2.69
N TYR A 160 -25.98 -16.92 -3.09
CA TYR A 160 -25.46 -16.76 -4.44
C TYR A 160 -24.16 -17.56 -4.68
N LEU A 161 -23.20 -17.44 -3.75
CA LEU A 161 -21.90 -18.17 -3.90
C LEU A 161 -22.03 -19.70 -3.80
N GLU A 162 -22.98 -20.13 -2.98
CA GLU A 162 -23.34 -21.56 -2.86
C GLU A 162 -24.30 -22.07 -3.94
N GLY A 163 -24.94 -21.16 -4.68
CA GLY A 163 -26.02 -21.51 -5.60
C GLY A 163 -25.72 -21.05 -7.02
N GLU A 164 -26.19 -19.86 -7.37
CA GLU A 164 -26.07 -19.37 -8.74
C GLU A 164 -24.61 -19.40 -9.29
N CYS A 165 -23.70 -18.69 -8.65
CA CYS A 165 -22.28 -18.68 -9.05
C CYS A 165 -21.83 -20.08 -9.52
N VAL A 166 -22.07 -21.08 -8.66
CA VAL A 166 -21.66 -22.45 -8.95
C VAL A 166 -22.47 -23.12 -10.07
N GLU A 167 -23.80 -23.00 -10.03
N GLU A 167 -23.80 -23.01 -10.04
CA GLU A 167 -24.64 -23.59 -11.08
CA GLU A 167 -24.63 -23.60 -11.10
C GLU A 167 -24.40 -22.90 -12.43
C GLU A 167 -24.36 -22.90 -12.44
N TRP A 168 -23.99 -21.63 -12.40
CA TRP A 168 -23.63 -20.87 -13.60
C TRP A 168 -22.19 -21.11 -14.12
N LEU A 169 -21.24 -21.32 -13.21
CA LEU A 169 -19.89 -21.76 -13.63
C LEU A 169 -20.02 -23.06 -14.45
N ARG A 170 -20.67 -24.07 -13.85
CA ARG A 170 -21.07 -25.32 -14.55
C ARG A 170 -21.61 -25.05 -15.97
N ARG A 171 -22.52 -24.09 -16.10
CA ARG A 171 -23.09 -23.76 -17.39
C ARG A 171 -22.08 -23.13 -18.36
N TYR A 172 -21.18 -22.28 -17.89
CA TYR A 172 -20.24 -21.60 -18.80
C TYR A 172 -19.13 -22.54 -19.32
N LEU A 173 -18.67 -23.44 -18.46
CA LEU A 173 -17.72 -24.47 -18.83
C LEU A 173 -18.36 -25.46 -19.82
N GLU A 174 -19.68 -25.54 -19.80
CA GLU A 174 -20.41 -26.29 -20.79
C GLU A 174 -20.36 -25.55 -22.12
N LEU A 175 -20.59 -24.23 -22.11
CA LEU A 175 -20.64 -23.45 -23.36
C LEU A 175 -19.31 -23.36 -24.08
N GLY A 176 -18.29 -22.96 -23.34
CA GLY A 176 -16.95 -22.89 -23.87
C GLY A 176 -16.15 -24.13 -23.51
N ASN A 177 -16.72 -25.33 -23.68
CA ASN A 177 -16.01 -26.52 -23.28
C ASN A 177 -14.76 -26.80 -24.11
N GLU A 178 -14.79 -26.51 -25.41
N GLU A 178 -14.80 -26.53 -25.41
CA GLU A 178 -13.67 -26.87 -26.31
CA GLU A 178 -13.68 -26.88 -26.31
C GLU A 178 -12.47 -25.92 -26.18
C GLU A 178 -12.43 -26.00 -26.05
N THR A 179 -12.61 -24.87 -25.38
CA THR A 179 -11.48 -24.04 -24.99
C THR A 179 -11.15 -24.27 -23.49
N LEU A 180 -12.14 -24.09 -22.63
CA LEU A 180 -11.94 -24.11 -21.19
C LEU A 180 -11.53 -25.49 -20.62
N LEU A 181 -11.96 -26.57 -21.26
CA LEU A 181 -11.63 -27.89 -20.71
C LEU A 181 -10.44 -28.52 -21.42
N ARG A 182 -9.87 -27.79 -22.39
CA ARG A 182 -8.78 -28.28 -23.23
C ARG A 182 -7.53 -28.36 -22.43
N THR A 183 -6.51 -29.01 -22.95
CA THR A 183 -5.17 -28.72 -22.48
C THR A 183 -4.28 -28.50 -23.65
N ASP A 184 -3.40 -27.53 -23.54
CA ASP A 184 -2.37 -27.29 -24.55
C ASP A 184 -1.05 -27.56 -23.86
N SER A 185 -0.37 -28.60 -24.29
CA SER A 185 0.91 -28.92 -23.73
C SER A 185 1.92 -27.87 -24.14
N PRO A 186 2.85 -27.53 -23.23
CA PRO A 186 3.93 -26.65 -23.55
C PRO A 186 4.76 -27.18 -24.71
N LYS A 187 5.08 -26.32 -25.66
CA LYS A 187 6.18 -26.56 -26.59
C LYS A 187 7.45 -26.10 -25.89
N ALA A 188 8.42 -26.96 -25.60
CA ALA A 188 9.55 -26.54 -24.76
C ALA A 188 10.92 -26.83 -25.36
N HIS A 189 11.90 -25.99 -25.04
CA HIS A 189 13.25 -26.17 -25.54
C HIS A 189 14.29 -25.36 -24.74
N VAL A 190 15.56 -25.61 -25.04
CA VAL A 190 16.64 -25.05 -24.25
C VAL A 190 17.58 -24.24 -25.13
N THR A 191 17.78 -22.97 -24.78
CA THR A 191 18.65 -22.14 -25.62
C THR A 191 19.95 -21.89 -24.83
N TYR A 192 21.04 -21.64 -25.55
CA TYR A 192 22.44 -21.46 -25.03
C TYR A 192 22.81 -20.05 -25.34
N HIS A 193 23.33 -19.29 -24.36
CA HIS A 193 23.65 -17.89 -24.56
C HIS A 193 24.98 -17.56 -23.91
N PRO A 194 26.01 -17.38 -24.72
CA PRO A 194 27.34 -17.17 -24.18
C PRO A 194 27.38 -15.85 -23.44
N ARG A 195 28.28 -15.67 -22.47
CA ARG A 195 28.48 -14.34 -21.83
C ARG A 195 29.96 -13.98 -21.70
N SER A 196 30.67 -14.79 -20.91
CA SER A 196 32.03 -14.50 -20.57
C SER A 196 32.83 -15.75 -20.77
N GLN A 197 34.12 -15.66 -20.44
CA GLN A 197 34.98 -16.82 -20.46
C GLN A 197 34.60 -17.83 -19.42
N VAL A 198 33.90 -17.38 -18.35
CA VAL A 198 33.53 -18.25 -17.20
C VAL A 198 32.12 -18.82 -17.24
N ASP A 199 31.17 -18.08 -17.79
CA ASP A 199 29.76 -18.43 -17.73
C ASP A 199 29.17 -18.53 -19.12
N VAL A 200 28.00 -19.19 -19.14
CA VAL A 200 27.06 -19.08 -20.21
C VAL A 200 25.67 -19.18 -19.52
N THR A 201 24.62 -18.68 -20.18
CA THR A 201 23.26 -18.88 -19.69
C THR A 201 22.57 -19.94 -20.55
N LEU A 202 21.96 -20.91 -19.87
CA LEU A 202 21.03 -21.83 -20.46
C LEU A 202 19.65 -21.42 -20.05
N ARG A 203 18.74 -21.41 -21.02
CA ARG A 203 17.41 -20.96 -20.79
C ARG A 203 16.45 -22.02 -21.28
N CYS A 204 15.52 -22.39 -20.39
CA CYS A 204 14.52 -23.40 -20.61
C CYS A 204 13.16 -22.75 -20.79
N TRP A 205 12.58 -22.93 -21.99
CA TRP A 205 11.41 -22.21 -22.42
C TRP A 205 10.19 -23.13 -22.51
N ALA A 206 9.07 -22.69 -21.96
CA ALA A 206 7.84 -23.42 -22.10
C ALA A 206 6.89 -22.47 -22.83
N LEU A 207 6.44 -22.84 -24.03
CA LEU A 207 5.63 -21.88 -24.81
C LEU A 207 4.26 -22.43 -25.15
N GLY A 208 3.25 -21.58 -25.06
CA GLY A 208 1.99 -21.82 -25.77
C GLY A 208 1.16 -22.88 -25.09
N PHE A 209 1.14 -22.81 -23.77
CA PHE A 209 0.52 -23.78 -22.92
C PHE A 209 -0.72 -23.20 -22.22
N TYR A 210 -1.57 -24.13 -21.83
CA TYR A 210 -2.81 -23.83 -21.19
C TYR A 210 -3.26 -25.09 -20.49
N PRO A 211 -3.60 -24.98 -19.17
CA PRO A 211 -3.69 -23.77 -18.33
C PRO A 211 -2.36 -23.17 -17.86
N ALA A 212 -2.43 -22.03 -17.17
CA ALA A 212 -1.23 -21.22 -16.81
C ALA A 212 -0.24 -21.88 -15.85
N ASP A 213 -0.74 -22.78 -15.03
CA ASP A 213 0.05 -23.49 -14.04
C ASP A 213 1.17 -24.30 -14.71
N ILE A 214 2.40 -24.12 -14.26
CA ILE A 214 3.57 -24.81 -14.76
C ILE A 214 4.69 -24.77 -13.72
N THR A 215 5.60 -25.72 -13.82
CA THR A 215 6.77 -25.69 -12.96
C THR A 215 7.95 -26.17 -13.81
N LEU A 216 8.96 -25.30 -13.91
CA LEU A 216 10.18 -25.59 -14.60
C LEU A 216 11.24 -25.80 -13.57
N THR A 217 11.92 -26.97 -13.52
CA THR A 217 13.13 -27.09 -12.68
C THR A 217 14.41 -27.33 -13.49
N TRP A 218 15.54 -27.01 -12.86
CA TRP A 218 16.85 -27.23 -13.43
C TRP A 218 17.59 -28.16 -12.49
N GLN A 219 18.17 -29.23 -13.03
CA GLN A 219 19.00 -30.14 -12.27
C GLN A 219 20.46 -30.23 -12.77
N LEU A 220 21.38 -30.46 -11.84
CA LEU A 220 22.78 -30.67 -12.18
C LEU A 220 23.15 -32.09 -11.87
N ASN A 221 23.45 -32.86 -12.93
CA ASN A 221 23.80 -34.29 -12.79
C ASN A 221 22.79 -35.06 -11.95
N GLY A 222 21.50 -34.83 -12.17
CA GLY A 222 20.47 -35.59 -11.47
C GLY A 222 20.14 -35.13 -10.06
N GLU A 223 20.86 -34.12 -9.55
CA GLU A 223 20.52 -33.45 -8.29
C GLU A 223 19.86 -32.09 -8.55
N ASP A 224 18.98 -31.65 -7.68
CA ASP A 224 18.27 -30.39 -7.89
C ASP A 224 19.14 -29.17 -7.60
N LEU A 225 18.85 -28.11 -8.33
CA LEU A 225 19.45 -26.80 -8.11
C LEU A 225 18.49 -25.72 -8.64
N THR A 226 17.45 -25.40 -7.84
CA THR A 226 16.52 -24.29 -8.19
C THR A 226 17.10 -22.96 -7.67
N GLN A 227 17.73 -23.02 -6.48
CA GLN A 227 18.67 -21.97 -6.01
C GLN A 227 19.55 -21.59 -7.22
N ASP A 228 19.84 -20.30 -7.39
CA ASP A 228 20.71 -19.85 -8.49
C ASP A 228 20.00 -20.04 -9.83
N MET A 229 18.72 -19.64 -9.89
CA MET A 229 18.01 -19.71 -11.15
C MET A 229 17.05 -18.54 -11.36
N GLU A 230 17.17 -17.90 -12.52
CA GLU A 230 16.32 -16.80 -12.93
C GLU A 230 15.09 -17.37 -13.62
N LEU A 231 13.96 -16.82 -13.31
CA LEU A 231 12.71 -17.25 -13.89
C LEU A 231 11.78 -16.09 -13.96
N VAL A 232 11.10 -15.94 -15.10
CA VAL A 232 10.17 -14.85 -15.26
C VAL A 232 8.80 -15.34 -14.85
N GLU A 233 7.94 -14.41 -14.55
CA GLU A 233 6.58 -14.74 -14.22
C GLU A 233 5.90 -15.32 -15.44
N THR A 234 4.91 -16.17 -15.21
CA THR A 234 4.15 -16.73 -16.33
C THR A 234 3.52 -15.53 -17.04
N ARG A 235 3.52 -15.53 -18.36
CA ARG A 235 3.08 -14.35 -19.12
C ARG A 235 2.17 -14.76 -20.29
N PRO A 236 1.18 -13.93 -20.64
CA PRO A 236 0.27 -14.42 -21.66
C PRO A 236 0.84 -14.17 -23.05
N ALA A 237 0.65 -15.15 -23.93
CA ALA A 237 1.13 -15.10 -25.30
C ALA A 237 0.30 -14.13 -26.13
N GLY A 238 -0.96 -13.92 -25.75
CA GLY A 238 -1.86 -13.08 -26.53
C GLY A 238 -2.89 -13.89 -27.29
N ASP A 239 -2.70 -15.18 -27.37
CA ASP A 239 -3.61 -16.06 -28.10
C ASP A 239 -4.35 -16.99 -27.16
N GLY A 240 -4.38 -16.68 -25.87
CA GLY A 240 -5.07 -17.51 -24.91
C GLY A 240 -4.14 -18.55 -24.32
N THR A 241 -2.85 -18.51 -24.67
CA THR A 241 -1.89 -19.45 -24.08
C THR A 241 -0.82 -18.67 -23.33
N PHE A 242 -0.04 -19.40 -22.55
CA PHE A 242 0.93 -18.79 -21.63
C PHE A 242 2.36 -19.17 -21.98
N GLN A 243 3.32 -18.44 -21.40
CA GLN A 243 4.75 -18.66 -21.61
C GLN A 243 5.47 -18.45 -20.26
N LYS A 244 6.56 -19.16 -20.10
CA LYS A 244 7.39 -19.01 -18.90
C LYS A 244 8.78 -19.44 -19.32
N TRP A 245 9.81 -18.84 -18.72
CA TRP A 245 11.12 -19.49 -18.77
C TRP A 245 11.93 -19.55 -17.48
N ALA A 246 12.86 -20.50 -17.43
CA ALA A 246 13.84 -20.57 -16.33
C ALA A 246 15.25 -20.74 -16.89
N ALA A 247 16.17 -19.88 -16.40
CA ALA A 247 17.56 -19.83 -16.82
C ALA A 247 18.49 -20.05 -15.67
N VAL A 248 19.60 -20.71 -15.98
CA VAL A 248 20.68 -20.91 -15.08
C VAL A 248 21.98 -20.46 -15.76
N VAL A 249 22.88 -19.87 -14.99
CA VAL A 249 24.21 -19.52 -15.46
C VAL A 249 25.11 -20.70 -15.06
N VAL A 250 25.78 -21.29 -16.04
CA VAL A 250 26.65 -22.44 -15.80
C VAL A 250 28.05 -22.22 -16.34
N PRO A 251 29.06 -22.93 -15.79
CA PRO A 251 30.43 -22.69 -16.27
C PRO A 251 30.67 -23.17 -17.71
N LEU A 252 31.51 -22.45 -18.44
CA LEU A 252 31.76 -22.70 -19.87
C LEU A 252 32.12 -24.15 -20.02
N GLY A 253 31.51 -24.81 -21.00
CA GLY A 253 31.85 -26.21 -21.27
C GLY A 253 31.22 -27.27 -20.35
N LYS A 254 30.41 -26.86 -19.37
CA LYS A 254 29.72 -27.85 -18.50
C LYS A 254 28.25 -27.92 -18.85
N GLU A 255 27.89 -27.41 -20.03
CA GLU A 255 26.48 -27.24 -20.40
C GLU A 255 25.67 -28.54 -20.43
N GLN A 256 26.29 -29.60 -20.94
CA GLN A 256 25.62 -30.86 -21.17
C GLN A 256 25.22 -31.50 -19.87
N ASN A 257 25.72 -31.01 -18.75
CA ASN A 257 25.45 -31.65 -17.47
C ASN A 257 24.10 -31.29 -16.93
N TYR A 258 23.46 -30.27 -17.52
CA TYR A 258 22.22 -29.68 -16.96
C TYR A 258 20.99 -30.14 -17.69
N THR A 259 19.90 -30.28 -16.92
CA THR A 259 18.65 -30.77 -17.42
C THR A 259 17.57 -29.90 -16.90
N CYS A 260 16.80 -29.35 -17.82
CA CYS A 260 15.61 -28.63 -17.49
C CYS A 260 14.49 -29.63 -17.44
N HIS A 261 13.55 -29.46 -16.50
CA HIS A 261 12.44 -30.40 -16.34
C HIS A 261 11.11 -29.68 -16.35
N VAL A 262 10.23 -30.04 -17.27
CA VAL A 262 8.99 -29.32 -17.44
C VAL A 262 7.79 -30.13 -17.03
N HIS A 263 6.97 -29.49 -16.20
CA HIS A 263 5.81 -30.12 -15.61
C HIS A 263 4.58 -29.30 -15.90
N HIS A 264 3.65 -29.94 -16.59
CA HIS A 264 2.37 -29.38 -17.01
C HIS A 264 1.32 -30.51 -17.02
N LYS A 265 0.09 -30.07 -16.83
CA LYS A 265 -1.09 -30.94 -16.79
C LYS A 265 -1.24 -31.64 -18.15
N GLY A 266 -0.71 -31.05 -19.20
CA GLY A 266 -0.89 -31.51 -20.55
C GLY A 266 0.07 -32.61 -20.92
N LEU A 267 1.17 -32.69 -20.20
CA LEU A 267 2.21 -33.65 -20.50
C LEU A 267 1.98 -34.93 -19.75
N PRO A 268 2.05 -36.09 -20.43
CA PRO A 268 1.77 -37.37 -19.72
C PRO A 268 2.81 -37.71 -18.62
N GLU A 269 4.06 -37.26 -18.78
CA GLU A 269 4.97 -37.14 -17.66
C GLU A 269 5.89 -35.94 -17.84
N PRO A 270 6.72 -35.64 -16.83
CA PRO A 270 7.50 -34.45 -17.04
C PRO A 270 8.47 -34.55 -18.23
N LEU A 271 8.71 -33.44 -18.90
CA LEU A 271 9.72 -33.39 -19.95
C LEU A 271 11.09 -33.15 -19.34
N THR A 272 12.05 -33.95 -19.75
CA THR A 272 13.43 -33.68 -19.43
C THR A 272 14.06 -33.17 -20.72
N LEU A 273 14.76 -32.03 -20.63
CA LEU A 273 15.43 -31.41 -21.76
C LEU A 273 16.89 -31.20 -21.43
N ARG A 274 17.70 -31.27 -22.47
CA ARG A 274 19.14 -31.20 -22.37
C ARG A 274 19.59 -30.44 -23.60
N TRP A 275 20.34 -29.36 -23.40
CA TRP A 275 20.95 -28.65 -24.52
C TRP A 275 21.95 -29.52 -25.27
N LYS A 276 21.96 -29.43 -26.59
CA LYS A 276 22.81 -30.32 -27.45
C LYS A 276 23.61 -29.46 -28.46
N PRO A 277 24.95 -29.46 -28.36
CA PRO A 277 25.69 -28.63 -29.31
C PRO A 277 25.07 -28.72 -30.72
N MET B 1 -3.88 4.06 1.79
CA MET B 1 -3.49 3.93 0.35
C MET B 1 -2.19 3.15 0.17
N ILE B 2 -2.14 2.28 -0.83
CA ILE B 2 -0.90 1.61 -1.25
C ILE B 2 -0.74 1.60 -2.78
N GLN B 3 0.25 2.35 -3.26
CA GLN B 3 0.58 2.34 -4.67
C GLN B 3 1.64 1.28 -4.92
N ARG B 4 1.56 0.68 -6.09
CA ARG B 4 2.50 -0.34 -6.48
C ARG B 4 2.97 -0.02 -7.87
N THR B 5 4.27 -0.21 -8.10
CA THR B 5 4.90 0.15 -9.34
C THR B 5 4.79 -0.97 -10.40
N PRO B 6 4.75 -0.62 -11.69
CA PRO B 6 4.60 -1.63 -12.71
C PRO B 6 5.76 -2.56 -12.86
N LYS B 7 5.44 -3.83 -13.12
CA LYS B 7 6.46 -4.84 -13.41
C LYS B 7 6.21 -5.17 -14.89
N ILE B 8 7.25 -5.15 -15.71
CA ILE B 8 7.10 -5.14 -17.17
C ILE B 8 7.88 -6.30 -17.77
N GLN B 9 7.28 -6.96 -18.74
CA GLN B 9 7.97 -7.88 -19.61
C GLN B 9 7.66 -7.52 -21.01
N VAL B 10 8.71 -7.45 -21.85
CA VAL B 10 8.60 -7.31 -23.30
C VAL B 10 9.06 -8.61 -24.00
N TYR B 11 8.27 -9.11 -24.94
CA TYR B 11 8.57 -10.39 -25.57
C TYR B 11 7.68 -10.61 -26.76
N SER B 12 8.07 -11.53 -27.63
CA SER B 12 7.27 -11.93 -28.77
C SER B 12 6.30 -13.07 -28.48
N ARG B 13 5.17 -13.09 -29.16
CA ARG B 13 4.28 -14.25 -29.06
C ARG B 13 5.00 -15.53 -29.50
N HIS B 14 5.59 -15.54 -30.68
CA HIS B 14 6.32 -16.71 -31.13
C HIS B 14 7.84 -16.45 -31.12
N PRO B 15 8.64 -17.52 -31.10
CA PRO B 15 10.08 -17.30 -31.20
C PRO B 15 10.45 -16.58 -32.51
N ALA B 16 11.32 -15.57 -32.37
CA ALA B 16 11.61 -14.60 -33.43
C ALA B 16 12.43 -15.18 -34.58
N GLU B 17 12.00 -14.90 -35.80
CA GLU B 17 12.83 -15.12 -36.99
C GLU B 17 12.75 -13.88 -37.91
N ASN B 18 13.90 -13.31 -38.23
CA ASN B 18 13.92 -12.16 -39.11
C ASN B 18 13.09 -12.38 -40.37
N GLY B 19 12.19 -11.43 -40.67
CA GLY B 19 11.32 -11.49 -41.85
C GLY B 19 10.00 -12.21 -41.67
N LYS B 20 9.84 -12.88 -40.52
CA LYS B 20 8.65 -13.72 -40.29
C LYS B 20 7.70 -12.96 -39.35
N SER B 21 6.47 -12.76 -39.83
CA SER B 21 5.42 -12.05 -39.08
C SER B 21 5.20 -12.67 -37.68
N ASN B 22 4.83 -11.83 -36.72
CA ASN B 22 4.81 -12.24 -35.31
C ASN B 22 3.91 -11.26 -34.52
N PHE B 23 3.98 -11.31 -33.19
CA PHE B 23 3.34 -10.32 -32.32
C PHE B 23 4.25 -9.96 -31.20
N LEU B 24 4.31 -8.66 -30.90
CA LEU B 24 5.12 -8.07 -29.85
C LEU B 24 4.19 -7.72 -28.72
N ASN B 25 4.54 -8.21 -27.55
CA ASN B 25 3.81 -7.95 -26.36
C ASN B 25 4.64 -7.22 -25.30
N CYS B 26 3.96 -6.33 -24.57
CA CYS B 26 4.43 -5.75 -23.35
C CYS B 26 3.37 -6.00 -22.30
N TYR B 27 3.70 -6.86 -21.34
CA TYR B 27 2.83 -7.24 -20.23
C TYR B 27 3.22 -6.44 -19.01
N VAL B 28 2.25 -5.67 -18.51
CA VAL B 28 2.49 -4.72 -17.43
C VAL B 28 1.56 -5.08 -16.27
N SER B 29 2.18 -5.49 -15.16
CA SER B 29 1.51 -6.07 -13.99
C SER B 29 2.03 -5.52 -12.64
N GLY B 30 1.36 -5.92 -11.58
CA GLY B 30 1.77 -5.55 -10.24
C GLY B 30 1.70 -4.09 -9.88
N PHE B 31 0.90 -3.30 -10.62
CA PHE B 31 0.81 -1.84 -10.38
C PHE B 31 -0.52 -1.39 -9.81
N HIS B 32 -0.48 -0.32 -9.01
CA HIS B 32 -1.66 0.37 -8.46
C HIS B 32 -1.27 1.82 -8.23
N PRO B 33 -2.11 2.80 -8.65
CA PRO B 33 -3.43 2.70 -9.26
C PRO B 33 -3.44 2.27 -10.72
N SER B 34 -4.62 2.06 -11.29
CA SER B 34 -4.77 1.48 -12.64
C SER B 34 -4.28 2.37 -13.76
N ASP B 35 -4.38 3.68 -13.54
CA ASP B 35 -4.01 4.61 -14.60
C ASP B 35 -2.54 4.36 -14.94
N ILE B 36 -2.26 4.37 -16.24
CA ILE B 36 -0.99 3.95 -16.77
C ILE B 36 -0.91 4.21 -18.27
N GLU B 37 0.27 4.65 -18.68
CA GLU B 37 0.60 4.87 -20.08
C GLU B 37 1.66 3.85 -20.48
N VAL B 38 1.37 3.15 -21.55
CA VAL B 38 2.23 2.14 -22.11
C VAL B 38 2.32 2.43 -23.63
N ASP B 39 3.51 2.32 -24.19
CA ASP B 39 3.64 2.42 -25.62
C ASP B 39 4.70 1.49 -26.16
N LEU B 40 4.41 0.88 -27.29
CA LEU B 40 5.39 0.13 -28.00
C LEU B 40 6.13 1.11 -28.92
N LEU B 41 7.44 0.94 -28.99
CA LEU B 41 8.31 1.75 -29.84
C LEU B 41 9.11 0.90 -30.83
N LYS B 42 9.33 1.46 -32.00
CA LYS B 42 10.15 0.90 -33.02
C LYS B 42 11.17 1.99 -33.33
N ASN B 43 12.42 1.74 -32.96
CA ASN B 43 13.48 2.73 -33.05
C ASN B 43 13.10 4.02 -32.34
N GLY B 44 12.34 3.90 -31.27
CA GLY B 44 12.07 5.04 -30.44
C GLY B 44 10.81 5.83 -30.77
N GLU B 45 10.22 5.55 -31.94
N GLU B 45 10.22 5.57 -31.94
CA GLU B 45 8.95 6.13 -32.38
CA GLU B 45 8.95 6.20 -32.30
C GLU B 45 7.81 5.24 -31.92
C GLU B 45 7.82 5.26 -31.93
N ARG B 46 6.72 5.85 -31.46
CA ARG B 46 5.51 5.15 -31.08
C ARG B 46 4.90 4.40 -32.27
N ILE B 47 4.43 3.19 -32.04
CA ILE B 47 3.77 2.38 -33.08
C ILE B 47 2.26 2.62 -32.97
N GLU B 48 1.56 2.73 -34.11
CA GLU B 48 0.10 2.97 -34.13
C GLU B 48 -0.61 1.64 -33.88
N LYS B 49 -1.92 1.67 -33.77
CA LYS B 49 -2.75 0.45 -33.69
C LYS B 49 -2.30 -0.58 -32.64
N VAL B 50 -1.58 -0.13 -31.63
CA VAL B 50 -1.32 -0.95 -30.50
C VAL B 50 -2.65 -1.22 -29.81
N GLU B 51 -2.80 -2.41 -29.25
CA GLU B 51 -4.05 -2.82 -28.59
C GLU B 51 -3.74 -3.25 -27.17
N HIS B 52 -4.74 -3.26 -26.31
CA HIS B 52 -4.55 -3.85 -24.99
C HIS B 52 -5.77 -4.65 -24.56
N SER B 53 -5.56 -5.54 -23.62
CA SER B 53 -6.65 -6.33 -23.01
C SER B 53 -7.43 -5.49 -22.03
N ASP B 54 -8.54 -6.05 -21.59
CA ASP B 54 -9.38 -5.41 -20.60
C ASP B 54 -8.71 -5.34 -19.24
N LEU B 55 -8.74 -4.14 -18.64
CA LEU B 55 -8.15 -3.87 -17.30
C LEU B 55 -8.62 -4.83 -16.23
N SER B 56 -7.67 -5.54 -15.61
CA SER B 56 -7.98 -6.61 -14.68
C SER B 56 -7.07 -6.61 -13.49
N PHE B 57 -7.32 -7.46 -12.51
CA PHE B 57 -6.42 -7.49 -11.34
C PHE B 57 -6.24 -8.84 -10.61
N SER B 58 -5.12 -8.93 -9.86
CA SER B 58 -4.69 -10.18 -9.21
C SER B 58 -5.11 -10.22 -7.75
N LYS B 59 -4.81 -11.32 -7.04
CA LYS B 59 -5.36 -11.53 -5.69
C LYS B 59 -5.00 -10.40 -4.75
N ASP B 60 -3.84 -9.80 -4.95
CA ASP B 60 -3.40 -8.70 -4.09
C ASP B 60 -3.90 -7.32 -4.56
N TRP B 61 -4.92 -7.28 -5.42
CA TRP B 61 -5.54 -6.03 -5.93
C TRP B 61 -4.73 -5.28 -7.04
N SER B 62 -3.52 -5.74 -7.34
CA SER B 62 -2.65 -5.06 -8.29
C SER B 62 -3.13 -5.31 -9.70
N PHE B 63 -3.06 -4.32 -10.58
CA PHE B 63 -3.61 -4.44 -11.94
C PHE B 63 -2.65 -5.07 -12.92
N TYR B 64 -3.21 -5.58 -14.01
CA TYR B 64 -2.40 -6.08 -15.15
C TYR B 64 -3.09 -5.79 -16.50
N LEU B 65 -2.27 -5.55 -17.51
CA LEU B 65 -2.71 -5.31 -18.90
C LEU B 65 -1.65 -5.94 -19.77
N LEU B 66 -2.08 -6.42 -20.94
CA LEU B 66 -1.16 -6.84 -21.98
C LEU B 66 -1.37 -5.87 -23.12
N TYR B 67 -0.33 -5.14 -23.54
CA TYR B 67 -0.33 -4.41 -24.84
C TYR B 67 0.37 -5.24 -25.93
N TYR B 68 -0.18 -5.16 -27.13
CA TYR B 68 0.32 -5.98 -28.22
C TYR B 68 0.08 -5.35 -29.60
N THR B 69 0.90 -5.76 -30.56
CA THR B 69 0.76 -5.37 -31.93
C THR B 69 1.35 -6.44 -32.83
N GLU B 70 0.83 -6.55 -34.06
CA GLU B 70 1.49 -7.33 -35.14
C GLU B 70 2.82 -6.68 -35.40
N PHE B 71 3.85 -7.48 -35.67
CA PHE B 71 5.15 -6.95 -36.09
C PHE B 71 5.98 -7.99 -36.82
N THR B 72 7.00 -7.54 -37.53
CA THR B 72 7.90 -8.43 -38.22
C THR B 72 9.29 -8.11 -37.75
N PRO B 73 9.84 -8.97 -36.86
CA PRO B 73 11.11 -8.67 -36.29
C PRO B 73 12.16 -8.69 -37.35
N THR B 74 13.25 -8.04 -37.04
CA THR B 74 14.20 -7.73 -38.03
C THR B 74 15.54 -7.59 -37.35
N GLU B 75 16.59 -7.74 -38.13
CA GLU B 75 17.94 -7.82 -37.58
C GLU B 75 18.34 -6.56 -36.84
N LYS B 76 17.97 -5.41 -37.41
CA LYS B 76 18.47 -4.13 -36.92
C LYS B 76 17.42 -3.35 -36.15
N ASP B 77 16.14 -3.73 -36.24
CA ASP B 77 15.08 -2.86 -35.71
C ASP B 77 14.98 -3.03 -34.22
N GLU B 78 15.21 -1.95 -33.48
CA GLU B 78 15.03 -2.00 -32.04
C GLU B 78 13.55 -1.80 -31.68
N TYR B 79 13.00 -2.74 -30.92
CA TYR B 79 11.71 -2.56 -30.28
C TYR B 79 11.83 -2.45 -28.78
N ALA B 80 10.91 -1.68 -28.21
CA ALA B 80 10.86 -1.43 -26.79
C ALA B 80 9.42 -1.11 -26.35
N CYS B 81 9.18 -1.20 -25.04
CA CYS B 81 7.94 -0.88 -24.38
C CYS B 81 8.25 0.28 -23.43
N ARG B 82 7.45 1.33 -23.45
CA ARG B 82 7.70 2.50 -22.58
C ARG B 82 6.52 2.69 -21.66
N VAL B 83 6.73 2.56 -20.35
CA VAL B 83 5.66 2.69 -19.37
C VAL B 83 5.83 3.88 -18.41
N ASN B 84 4.75 4.60 -18.14
CA ASN B 84 4.74 5.64 -17.11
C ASN B 84 3.51 5.52 -16.21
N HIS B 85 3.70 6.02 -14.99
CA HIS B 85 2.83 5.64 -13.87
C HIS B 85 3.13 6.55 -12.71
N VAL B 86 2.09 6.87 -11.93
CA VAL B 86 2.24 7.79 -10.82
C VAL B 86 3.44 7.46 -9.91
N THR B 87 3.80 6.18 -9.75
CA THR B 87 4.93 5.76 -8.89
C THR B 87 6.32 5.93 -9.51
N LEU B 88 6.40 6.29 -10.78
CA LEU B 88 7.67 6.64 -11.45
C LEU B 88 7.80 8.13 -11.64
N SER B 89 9.04 8.61 -11.64
CA SER B 89 9.34 10.03 -11.85
C SER B 89 9.71 10.25 -13.29
N GLN B 90 10.11 9.17 -13.95
CA GLN B 90 10.30 9.17 -15.40
C GLN B 90 9.92 7.82 -15.97
N PRO B 91 9.54 7.79 -17.26
CA PRO B 91 9.11 6.52 -17.81
C PRO B 91 10.28 5.54 -17.85
N LYS B 92 9.95 4.26 -17.75
CA LYS B 92 10.85 3.12 -17.96
C LYS B 92 10.77 2.67 -19.41
N ILE B 93 11.93 2.47 -20.04
CA ILE B 93 11.95 1.78 -21.30
C ILE B 93 12.56 0.40 -21.07
N VAL B 94 11.81 -0.64 -21.45
CA VAL B 94 12.37 -1.98 -21.58
C VAL B 94 12.46 -2.37 -23.07
N LYS B 95 13.68 -2.60 -23.53
CA LYS B 95 13.88 -3.01 -24.90
C LYS B 95 13.52 -4.48 -25.10
N TRP B 96 12.94 -4.81 -26.24
CA TRP B 96 12.64 -6.19 -26.54
C TRP B 96 13.92 -6.91 -26.90
N ASP B 97 14.13 -8.05 -26.26
CA ASP B 97 15.29 -8.91 -26.47
C ASP B 97 14.71 -10.24 -26.85
N ARG B 98 14.99 -10.70 -28.06
CA ARG B 98 14.31 -11.92 -28.59
C ARG B 98 14.64 -13.18 -27.80
N ASP B 99 15.69 -13.11 -26.98
CA ASP B 99 16.13 -14.26 -26.16
C ASP B 99 15.49 -14.28 -24.80
N MET B 100 14.62 -13.31 -24.49
CA MET B 100 13.96 -13.29 -23.20
C MET B 100 12.45 -13.19 -23.32
N LEU C 1 -22.57 -15.21 -13.93
CA LEU C 1 -23.75 -14.32 -13.67
C LEU C 1 -23.36 -13.23 -12.67
N TYR C 2 -23.63 -11.98 -13.04
CA TYR C 2 -23.19 -10.83 -12.25
C TYR C 2 -24.17 -10.56 -11.12
N LEU C 3 -23.68 -10.68 -9.88
CA LEU C 3 -24.47 -10.37 -8.70
C LEU C 3 -24.18 -8.96 -8.24
N VAL C 4 -25.23 -8.14 -8.21
CA VAL C 4 -25.15 -6.73 -7.80
C VAL C 4 -24.96 -6.62 -6.30
N CYS C 5 -24.35 -5.51 -5.89
CA CYS C 5 -24.23 -5.15 -4.47
C CYS C 5 -25.54 -4.65 -3.85
N GLY C 6 -25.82 -5.13 -2.64
CA GLY C 6 -27.01 -4.72 -1.89
C GLY C 6 -26.82 -3.34 -1.28
N GLU C 7 -26.65 -3.27 0.05
CA GLU C 7 -26.47 -1.99 0.77
C GLU C 7 -25.12 -1.33 0.46
N ARG C 8 -25.12 0.00 0.42
CA ARG C 8 -23.93 0.78 0.03
C ARG C 8 -22.94 0.87 1.16
N GLY C 9 -21.75 1.35 0.82
CA GLY C 9 -20.69 1.52 1.80
C GLY C 9 -21.06 2.37 2.99
N MET D 1 -2.32 -8.06 16.39
CA MET D 1 -3.36 -8.73 15.56
C MET D 1 -3.62 -7.93 14.27
N GLY D 2 -3.86 -8.64 13.17
CA GLY D 2 -4.06 -7.98 11.90
C GLY D 2 -2.72 -7.49 11.37
N PRO D 3 -2.75 -6.49 10.49
CA PRO D 3 -1.50 -5.97 9.93
C PRO D 3 -0.64 -5.25 10.96
N HIS D 4 0.66 -5.25 10.74
CA HIS D 4 1.59 -4.59 11.64
C HIS D 4 2.72 -3.99 10.85
N SER D 5 3.51 -3.14 11.49
CA SER D 5 4.63 -2.55 10.77
C SER D 5 5.80 -2.17 11.68
N LEU D 6 6.99 -2.22 11.10
CA LEU D 6 8.22 -1.79 11.73
C LEU D 6 8.75 -0.70 10.84
N ARG D 7 8.79 0.52 11.35
CA ARG D 7 9.37 1.66 10.70
C ARG D 7 10.50 2.26 11.55
N TYR D 8 11.56 2.71 10.87
CA TYR D 8 12.59 3.54 11.50
C TYR D 8 12.57 4.89 10.84
N PHE D 9 12.56 5.95 11.64
CA PHE D 9 12.58 7.34 11.18
C PHE D 9 13.91 8.01 11.61
N VAL D 10 14.72 8.34 10.62
CA VAL D 10 16.05 8.85 10.85
C VAL D 10 16.12 10.27 10.30
N THR D 11 16.70 11.15 11.11
CA THR D 11 16.84 12.55 10.72
C THR D 11 18.26 12.97 11.03
N ALA D 12 18.91 13.58 10.05
CA ALA D 12 20.25 14.16 10.20
C ALA D 12 20.21 15.62 9.79
N VAL D 13 20.53 16.55 10.68
CA VAL D 13 20.53 17.99 10.34
C VAL D 13 21.91 18.63 10.56
N SER D 14 22.35 19.46 9.62
CA SER D 14 23.63 20.13 9.69
C SER D 14 23.55 21.53 10.31
N ARG D 15 24.68 21.94 10.91
CA ARG D 15 24.80 23.19 11.63
C ARG D 15 26.18 23.77 11.32
N PRO D 16 26.32 25.12 11.37
CA PRO D 16 27.39 25.92 10.67
C PRO D 16 28.81 25.92 11.29
N GLY D 17 29.57 24.84 11.08
CA GLY D 17 30.88 24.67 11.75
C GLY D 17 30.74 24.41 13.25
N LEU D 18 29.50 24.24 13.69
CA LEU D 18 29.15 23.78 15.04
C LEU D 18 29.06 22.28 14.95
N GLY D 19 30.11 21.58 15.42
CA GLY D 19 30.16 20.12 15.43
C GLY D 19 29.55 19.38 14.24
N GLU D 20 29.58 18.05 14.29
CA GLU D 20 28.94 17.22 13.27
C GLU D 20 27.43 17.50 13.23
N PRO D 21 26.74 16.94 12.22
CA PRO D 21 25.30 17.19 12.22
C PRO D 21 24.58 16.48 13.36
N ARG D 22 23.40 16.98 13.72
CA ARG D 22 22.45 16.27 14.60
C ARG D 22 21.97 15.01 13.91
N PHE D 23 22.14 13.85 14.53
CA PHE D 23 21.65 12.60 13.96
C PHE D 23 20.70 11.96 14.96
N ILE D 24 19.47 11.74 14.54
CA ILE D 24 18.48 11.09 15.35
C ILE D 24 17.87 9.93 14.57
N ALA D 25 17.89 8.75 15.20
CA ALA D 25 17.08 7.62 14.75
C ALA D 25 15.96 7.37 15.75
N VAL D 26 14.86 6.78 15.27
CA VAL D 26 13.68 6.55 16.09
C VAL D 26 12.87 5.43 15.47
N GLY D 27 12.55 4.42 16.27
CA GLY D 27 11.88 3.24 15.73
C GLY D 27 10.51 3.00 16.33
N TYR D 28 9.57 2.60 15.50
CA TYR D 28 8.23 2.36 15.97
C TYR D 28 7.78 0.97 15.50
N VAL D 29 6.82 0.40 16.23
CA VAL D 29 6.05 -0.77 15.82
C VAL D 29 4.59 -0.34 15.89
N ASP D 30 3.88 -0.45 14.80
CA ASP D 30 2.53 0.12 14.75
C ASP D 30 2.59 1.58 15.24
N ASP D 31 1.77 1.96 16.22
CA ASP D 31 1.75 3.32 16.74
C ASP D 31 2.68 3.52 17.98
N THR D 32 3.55 2.58 18.27
CA THR D 32 4.36 2.71 19.47
C THR D 32 5.83 2.84 19.15
N GLN D 33 6.47 3.86 19.73
CA GLN D 33 7.91 4.03 19.61
C GLN D 33 8.54 3.05 20.54
N PHE D 34 9.61 2.37 20.10
CA PHE D 34 10.27 1.39 20.96
C PHE D 34 11.78 1.62 21.20
N VAL D 35 12.41 2.46 20.38
CA VAL D 35 13.87 2.60 20.41
C VAL D 35 14.28 3.96 19.96
N ARG D 36 15.43 4.43 20.43
CA ARG D 36 16.01 5.65 19.90
C ARG D 36 17.53 5.69 19.94
N PHE D 37 18.10 6.49 19.04
CA PHE D 37 19.49 6.92 19.16
C PHE D 37 19.53 8.40 18.87
N ASP D 38 20.23 9.15 19.72
CA ASP D 38 20.41 10.59 19.54
C ASP D 38 21.87 10.98 19.80
N SER D 39 22.47 11.65 18.82
CA SER D 39 23.90 11.91 18.80
C SER D 39 24.29 12.93 19.87
N ASP D 40 23.38 13.84 20.18
CA ASP D 40 23.61 14.81 21.24
C ASP D 40 23.49 14.25 22.68
N ALA D 41 23.13 12.98 22.82
CA ALA D 41 22.93 12.37 24.16
C ALA D 41 24.28 12.18 24.85
N ASP D 42 24.40 12.59 26.12
N ASP D 42 24.36 12.61 26.12
CA ASP D 42 25.71 12.74 26.76
CA ASP D 42 25.61 12.65 26.90
C ASP D 42 26.70 11.58 26.55
C ASP D 42 26.64 11.62 26.42
N ASN D 43 26.20 10.36 26.39
CA ASN D 43 26.99 9.23 25.92
C ASN D 43 26.14 8.46 24.91
N PRO D 44 26.19 8.89 23.64
CA PRO D 44 25.21 8.51 22.66
C PRO D 44 25.24 7.05 22.29
N ARG D 45 24.11 6.39 22.52
CA ARG D 45 23.99 5.02 22.15
C ARG D 45 22.53 4.64 21.98
N PHE D 46 22.33 3.44 21.45
CA PHE D 46 21.01 2.98 21.07
C PHE D 46 20.29 2.48 22.31
N GLU D 47 19.06 2.94 22.49
CA GLU D 47 18.34 2.88 23.76
C GLU D 47 16.90 2.39 23.59
N PRO D 48 16.39 1.60 24.55
CA PRO D 48 14.91 1.39 24.60
C PRO D 48 14.11 2.65 24.91
N ARG D 49 13.00 2.82 24.21
CA ARG D 49 12.03 3.85 24.59
C ARG D 49 10.70 3.16 24.89
N ALA D 50 10.79 1.92 25.33
CA ALA D 50 9.62 1.14 25.67
C ALA D 50 10.15 0.10 26.65
N PRO D 51 9.62 0.06 27.88
CA PRO D 51 10.27 -0.80 28.86
C PRO D 51 10.31 -2.27 28.51
N TRP D 52 9.41 -2.72 27.63
CA TRP D 52 9.34 -4.14 27.29
C TRP D 52 10.53 -4.57 26.41
N MET D 53 11.19 -3.60 25.79
CA MET D 53 12.43 -3.84 25.08
C MET D 53 13.59 -4.32 25.95
N GLU D 54 13.52 -4.09 27.26
CA GLU D 54 14.61 -4.51 28.13
C GLU D 54 14.72 -6.02 28.23
N GLN D 55 13.72 -6.73 27.70
CA GLN D 55 13.84 -8.17 27.53
C GLN D 55 15.07 -8.54 26.68
N GLU D 56 15.38 -7.67 25.70
CA GLU D 56 16.58 -7.83 24.86
C GLU D 56 17.87 -7.69 25.64
N GLY D 57 18.81 -8.59 25.37
CA GLY D 57 20.13 -8.56 26.01
C GLY D 57 21.02 -7.46 25.44
N PRO D 58 22.24 -7.30 26.02
CA PRO D 58 23.13 -6.20 25.67
C PRO D 58 23.97 -6.44 24.42
N GLU D 59 23.76 -7.58 23.76
CA GLU D 59 24.44 -7.87 22.52
C GLU D 59 23.63 -7.28 21.36
N TYR D 60 22.41 -6.86 21.67
CA TYR D 60 21.51 -6.19 20.73
C TYR D 60 21.79 -4.70 20.77
N TRP D 61 21.92 -4.15 21.96
CA TRP D 61 22.07 -2.70 22.12
C TRP D 61 23.41 -2.27 21.58
N GLU D 62 24.44 -2.98 22.01
CA GLU D 62 25.78 -2.62 21.61
C GLU D 62 25.86 -2.67 20.08
N GLU D 63 25.53 -3.82 19.51
CA GLU D 63 25.47 -4.03 18.07
C GLU D 63 24.64 -2.93 17.38
N GLN D 64 23.45 -2.64 17.88
CA GLN D 64 22.57 -1.64 17.26
C GLN D 64 23.10 -0.21 17.42
N THR D 65 23.95 0.01 18.40
CA THR D 65 24.61 1.30 18.53
C THR D 65 25.69 1.42 17.44
N GLN D 66 26.41 0.34 17.18
CA GLN D 66 27.37 0.32 16.08
C GLN D 66 26.71 0.85 14.84
N ARG D 67 25.60 0.19 14.48
CA ARG D 67 24.93 0.44 13.23
C ARG D 67 24.51 1.90 13.07
N ALA D 68 24.00 2.49 14.16
CA ALA D 68 23.59 3.88 14.13
C ALA D 68 24.79 4.83 14.00
N LYS D 69 25.97 4.42 14.47
CA LYS D 69 27.20 5.20 14.26
C LYS D 69 27.67 5.11 12.80
N SER D 70 27.56 3.92 12.19
CA SER D 70 27.80 3.78 10.76
C SER D 70 26.91 4.74 9.99
N ASP D 71 25.61 4.69 10.28
CA ASP D 71 24.68 5.62 9.66
C ASP D 71 25.04 7.06 9.97
N GLU D 72 25.43 7.33 11.21
CA GLU D 72 25.83 8.67 11.53
C GLU D 72 26.88 9.12 10.52
N GLN D 73 27.89 8.26 10.35
CA GLN D 73 28.93 8.45 9.35
C GLN D 73 28.37 8.65 7.95
N TRP D 74 27.50 7.73 7.52
CA TRP D 74 26.98 7.72 6.17
C TRP D 74 26.32 9.05 5.87
N PHE D 75 25.63 9.57 6.86
CA PHE D 75 24.93 10.83 6.69
C PHE D 75 25.88 12.01 6.77
N ARG D 76 26.89 11.91 7.64
CA ARG D 76 27.97 12.92 7.66
C ARG D 76 28.37 13.19 6.20
N VAL D 77 28.70 12.10 5.50
CA VAL D 77 29.22 12.15 4.13
C VAL D 77 28.16 12.53 3.12
N SER D 78 26.98 11.92 3.24
CA SER D 78 25.91 12.17 2.29
C SER D 78 25.43 13.63 2.31
N LEU D 79 25.45 14.25 3.48
CA LEU D 79 25.03 15.65 3.59
C LEU D 79 25.91 16.57 2.76
N ARG D 80 27.21 16.37 2.90
CA ARG D 80 28.18 17.13 2.16
C ARG D 80 28.06 16.86 0.65
N THR D 81 27.83 15.60 0.26
CA THR D 81 27.70 15.26 -1.16
C THR D 81 26.52 16.04 -1.77
N ALA D 82 25.37 15.92 -1.14
CA ALA D 82 24.19 16.70 -1.55
C ALA D 82 24.41 18.21 -1.52
N GLN D 83 25.18 18.69 -0.56
CA GLN D 83 25.46 20.10 -0.55
C GLN D 83 26.07 20.45 -1.93
N ARG D 84 27.09 19.72 -2.34
CA ARG D 84 27.77 19.94 -3.62
C ARG D 84 26.85 19.75 -4.84
N TYR D 85 25.97 18.75 -4.82
CA TYR D 85 25.12 18.50 -6.00
C TYR D 85 24.20 19.69 -6.33
N TYR D 86 23.63 20.31 -5.30
CA TYR D 86 22.67 21.38 -5.49
C TYR D 86 23.38 22.74 -5.59
N ASN D 87 24.70 22.73 -5.39
CA ASN D 87 25.53 23.93 -5.52
C ASN D 87 25.11 24.94 -4.46
N GLN D 88 24.92 24.41 -3.27
CA GLN D 88 24.50 25.19 -2.14
C GLN D 88 25.74 25.71 -1.42
N SER D 89 25.67 26.96 -0.97
CA SER D 89 26.68 27.51 -0.07
C SER D 89 26.85 26.50 1.08
N LYS D 90 28.10 26.42 1.57
CA LYS D 90 28.52 25.37 2.50
C LYS D 90 28.17 25.67 3.97
N GLY D 91 27.56 26.83 4.25
CA GLY D 91 27.30 27.26 5.63
C GLY D 91 25.96 26.87 6.25
N GLY D 92 24.94 26.73 5.41
CA GLY D 92 23.55 26.66 5.89
C GLY D 92 23.19 25.31 6.43
N SER D 93 22.28 25.26 7.40
CA SER D 93 21.72 23.97 7.85
C SER D 93 20.89 23.33 6.75
N HIS D 94 20.95 22.01 6.66
CA HIS D 94 20.07 21.26 5.74
C HIS D 94 19.71 19.95 6.36
N THR D 95 18.65 19.34 5.83
CA THR D 95 18.05 18.19 6.49
C THR D 95 18.02 17.03 5.55
N PHE D 96 18.61 15.93 5.99
CA PHE D 96 18.45 14.70 5.28
C PHE D 96 17.53 13.80 6.12
N GLN D 97 16.56 13.16 5.50
CA GLN D 97 15.78 12.17 6.21
C GLN D 97 15.78 10.80 5.53
N ARG D 98 15.56 9.79 6.35
CA ARG D 98 15.39 8.44 5.89
C ARG D 98 14.22 7.79 6.63
N MET D 99 13.40 7.03 5.91
CA MET D 99 12.50 6.08 6.55
C MET D 99 12.68 4.69 5.92
N PHE D 100 12.72 3.67 6.78
CA PHE D 100 12.79 2.29 6.31
C PHE D 100 12.00 1.36 7.22
N GLY D 101 11.65 0.19 6.69
CA GLY D 101 10.88 -0.78 7.42
C GLY D 101 9.89 -1.53 6.55
N CYS D 102 9.06 -2.34 7.21
CA CYS D 102 8.18 -3.26 6.54
C CYS D 102 6.79 -3.18 7.14
N ASP D 103 5.80 -3.07 6.28
CA ASP D 103 4.45 -3.35 6.63
C ASP D 103 4.16 -4.81 6.25
N VAL D 104 3.67 -5.61 7.20
CA VAL D 104 3.28 -7.00 6.93
C VAL D 104 1.77 -7.19 7.14
N GLY D 105 1.19 -8.16 6.42
CA GLY D 105 -0.20 -8.59 6.63
C GLY D 105 -0.31 -9.47 7.86
N SER D 106 -1.52 -9.90 8.21
CA SER D 106 -1.67 -10.72 9.42
C SER D 106 -1.03 -12.11 9.25
N ASP D 107 -0.89 -12.54 7.99
CA ASP D 107 -0.20 -13.80 7.64
C ASP D 107 1.29 -13.58 7.37
N TRP D 108 1.79 -12.41 7.77
CA TRP D 108 3.21 -12.04 7.67
C TRP D 108 3.75 -11.81 6.25
N ARG D 109 2.90 -11.94 5.24
CA ARG D 109 3.27 -11.53 3.87
C ARG D 109 3.69 -10.03 3.85
N LEU D 110 4.71 -9.72 3.05
CA LEU D 110 5.19 -8.39 2.96
C LEU D 110 4.16 -7.59 2.16
N LEU D 111 3.46 -6.69 2.84
CA LEU D 111 2.58 -5.74 2.17
C LEU D 111 3.38 -4.69 1.38
N ARG D 112 4.44 -4.17 1.99
CA ARG D 112 5.23 -3.09 1.45
C ARG D 112 6.55 -3.05 2.25
N GLY D 113 7.66 -2.85 1.56
CA GLY D 113 8.91 -2.57 2.20
C GLY D 113 9.27 -1.18 1.73
N TYR D 114 9.81 -0.39 2.65
CA TYR D 114 10.25 0.93 2.37
C TYR D 114 11.72 1.07 2.69
N HIS D 115 12.37 1.82 1.81
CA HIS D 115 13.67 2.40 2.04
C HIS D 115 13.76 3.63 1.19
N GLN D 116 13.64 4.80 1.82
CA GLN D 116 13.53 6.02 1.07
C GLN D 116 13.96 7.29 1.79
N PHE D 117 14.21 8.35 1.03
CA PHE D 117 14.95 9.51 1.51
C PHE D 117 14.32 10.84 1.12
N ALA D 118 14.55 11.84 1.98
CA ALA D 118 14.11 13.20 1.76
C ALA D 118 15.27 14.15 2.08
N TYR D 119 15.30 15.31 1.42
CA TYR D 119 16.36 16.31 1.59
C TYR D 119 15.71 17.67 1.52
N ASP D 120 15.85 18.45 2.58
CA ASP D 120 15.18 19.71 2.72
C ASP D 120 13.65 19.59 2.55
N GLY D 121 13.06 18.55 3.15
CA GLY D 121 11.60 18.41 3.14
C GLY D 121 10.97 17.89 1.86
N ARG D 122 11.79 17.54 0.87
CA ARG D 122 11.23 16.97 -0.35
C ARG D 122 11.91 15.65 -0.75
N ASP D 123 11.09 14.66 -1.13
CA ASP D 123 11.51 13.46 -1.82
C ASP D 123 12.83 13.62 -2.55
N TYR D 124 13.78 12.75 -2.21
CA TYR D 124 15.07 12.77 -2.85
C TYR D 124 15.23 11.52 -3.73
N ILE D 125 15.41 10.36 -3.11
CA ILE D 125 15.37 9.08 -3.79
C ILE D 125 14.61 8.04 -2.95
N ALA D 126 13.93 7.12 -3.66
CA ALA D 126 13.14 6.08 -3.05
C ALA D 126 13.37 4.74 -3.73
N LEU D 127 13.51 3.70 -2.92
CA LEU D 127 13.39 2.33 -3.42
C LEU D 127 11.93 2.07 -3.81
N ASN D 128 11.74 1.75 -5.08
CA ASN D 128 10.38 1.50 -5.57
C ASN D 128 9.76 0.31 -4.83
N GLU D 129 8.43 0.24 -4.88
CA GLU D 129 7.67 -0.83 -4.23
C GLU D 129 8.02 -2.25 -4.75
N ASP D 130 8.50 -2.35 -6.01
CA ASP D 130 9.11 -3.59 -6.52
C ASP D 130 10.34 -4.07 -5.75
N LEU D 131 10.97 -3.18 -4.97
CA LEU D 131 12.24 -3.47 -4.25
C LEU D 131 13.38 -3.90 -5.15
N LYS D 132 13.44 -3.31 -6.34
CA LYS D 132 14.49 -3.66 -7.31
C LYS D 132 15.07 -2.47 -8.04
N THR D 133 14.34 -1.37 -8.05
CA THR D 133 14.61 -0.22 -8.90
C THR D 133 14.34 1.02 -8.10
N TRP D 134 14.92 2.14 -8.51
CA TRP D 134 14.87 3.34 -7.71
C TRP D 134 14.22 4.45 -8.50
N THR D 135 13.60 5.37 -7.77
CA THR D 135 12.99 6.54 -8.33
C THR D 135 13.65 7.79 -7.77
N ALA D 136 14.25 8.59 -8.65
CA ALA D 136 14.95 9.79 -8.25
C ALA D 136 13.99 10.93 -8.41
N ALA D 137 13.84 11.81 -7.40
CA ALA D 137 12.92 12.94 -7.48
C ALA D 137 13.39 14.09 -8.38
N ASP D 138 14.70 14.20 -8.58
CA ASP D 138 15.25 15.22 -9.46
C ASP D 138 16.60 14.77 -9.98
N THR D 139 17.20 15.58 -10.82
CA THR D 139 18.45 15.18 -11.40
C THR D 139 19.60 15.04 -10.42
N ALA D 140 19.61 15.73 -9.30
CA ALA D 140 20.72 15.50 -8.36
C ALA D 140 20.65 14.03 -7.87
N ALA D 141 19.44 13.57 -7.62
CA ALA D 141 19.18 12.22 -7.15
C ALA D 141 19.56 11.17 -8.18
N LEU D 142 19.61 11.58 -9.46
CA LEU D 142 19.98 10.68 -10.55
C LEU D 142 21.41 10.27 -10.38
N ILE D 143 22.23 11.16 -9.82
CA ILE D 143 23.63 10.85 -9.47
C ILE D 143 23.64 9.70 -8.45
N THR D 144 22.89 9.85 -7.36
CA THR D 144 22.79 8.80 -6.35
C THR D 144 22.23 7.50 -6.95
N ARG D 145 21.24 7.63 -7.85
CA ARG D 145 20.62 6.46 -8.43
C ARG D 145 21.65 5.58 -9.13
N ARG D 146 22.59 6.19 -9.86
CA ARG D 146 23.57 5.45 -10.62
C ARG D 146 24.53 4.71 -9.68
N LYS D 147 24.98 5.39 -8.64
CA LYS D 147 25.90 4.78 -7.67
C LYS D 147 25.23 3.62 -6.96
N TRP D 148 23.95 3.74 -6.67
CA TRP D 148 23.28 2.65 -5.95
C TRP D 148 22.95 1.45 -6.83
N GLU D 149 22.63 1.65 -8.10
CA GLU D 149 22.35 0.54 -9.02
C GLU D 149 23.65 -0.18 -9.40
N GLN D 150 24.71 0.62 -9.48
CA GLN D 150 26.00 0.15 -9.89
C GLN D 150 26.56 -0.71 -8.77
N ALA D 151 26.34 -0.26 -7.54
CA ALA D 151 26.73 -0.98 -6.33
C ALA D 151 25.86 -2.20 -6.04
N GLY D 152 24.67 -2.22 -6.64
CA GLY D 152 23.72 -3.33 -6.51
C GLY D 152 22.97 -3.35 -5.20
N ASP D 153 22.95 -2.22 -4.50
CA ASP D 153 22.36 -2.16 -3.17
C ASP D 153 20.87 -2.53 -3.08
N ALA D 154 20.11 -2.26 -4.15
CA ALA D 154 18.71 -2.74 -4.25
C ALA D 154 18.49 -4.12 -3.64
N GLU D 155 19.36 -5.07 -3.96
CA GLU D 155 19.21 -6.44 -3.51
C GLU D 155 19.56 -6.59 -2.03
N TYR D 156 20.41 -5.71 -1.53
CA TYR D 156 20.76 -5.66 -0.09
C TYR D 156 19.52 -5.25 0.71
N TYR D 157 18.87 -4.20 0.23
CA TYR D 157 17.69 -3.68 0.87
C TYR D 157 16.49 -4.58 0.63
N ARG D 158 16.41 -5.23 -0.53
CA ARG D 158 15.32 -6.16 -0.80
C ARG D 158 15.46 -7.30 0.22
N ALA D 159 16.63 -7.94 0.27
CA ALA D 159 16.84 -9.11 1.13
C ALA D 159 16.57 -8.87 2.61
N TYR D 160 16.72 -7.62 3.08
CA TYR D 160 16.40 -7.26 4.46
C TYR D 160 14.91 -7.04 4.71
N LEU D 161 14.25 -6.28 3.83
CA LEU D 161 12.82 -5.93 3.98
C LEU D 161 11.92 -7.15 3.82
N GLU D 162 12.28 -8.06 2.90
CA GLU D 162 11.53 -9.30 2.68
C GLU D 162 11.81 -10.40 3.71
N GLY D 163 12.91 -10.30 4.44
CA GLY D 163 13.34 -11.32 5.39
C GLY D 163 13.51 -10.75 6.79
N GLU D 164 14.72 -10.27 7.11
CA GLU D 164 15.10 -9.80 8.46
C GLU D 164 14.12 -8.83 9.13
N CYS D 165 13.62 -7.85 8.37
CA CYS D 165 12.75 -6.83 8.92
C CYS D 165 11.51 -7.48 9.53
N VAL D 166 11.05 -8.53 8.86
CA VAL D 166 9.83 -9.21 9.21
C VAL D 166 10.07 -10.15 10.39
N GLU D 167 11.27 -10.73 10.48
N GLU D 167 11.27 -10.74 10.43
CA GLU D 167 11.60 -11.60 11.62
CA GLU D 167 11.69 -11.56 11.55
C GLU D 167 11.67 -10.78 12.90
C GLU D 167 11.65 -10.76 12.84
N TRP D 168 12.29 -9.60 12.81
CA TRP D 168 12.43 -8.75 13.99
C TRP D 168 11.11 -8.12 14.35
N LEU D 169 10.22 -7.95 13.38
CA LEU D 169 8.86 -7.46 13.70
C LEU D 169 8.09 -8.53 14.52
N ARG D 170 8.13 -9.79 14.09
CA ARG D 170 7.50 -10.87 14.87
C ARG D 170 8.02 -10.82 16.32
N ARG D 171 9.33 -10.67 16.46
CA ARG D 171 10.00 -10.75 17.73
C ARG D 171 9.64 -9.61 18.65
N TYR D 172 9.62 -8.41 18.11
CA TYR D 172 9.21 -7.22 18.86
C TYR D 172 7.73 -7.26 19.31
N LEU D 173 6.84 -7.78 18.45
CA LEU D 173 5.41 -7.97 18.80
C LEU D 173 5.22 -9.03 19.89
N GLU D 174 6.08 -10.05 19.95
CA GLU D 174 6.04 -11.01 21.06
C GLU D 174 6.54 -10.40 22.38
N LEU D 175 7.67 -9.68 22.31
CA LEU D 175 8.29 -9.01 23.47
C LEU D 175 7.43 -7.82 24.01
N GLY D 176 6.63 -7.19 23.16
CA GLY D 176 5.75 -6.12 23.58
C GLY D 176 4.28 -6.53 23.55
N ASN D 177 4.01 -7.83 23.53
CA ASN D 177 2.64 -8.29 23.24
C ASN D 177 1.60 -7.67 24.18
N GLU D 178 1.97 -7.47 25.45
CA GLU D 178 1.08 -6.83 26.44
C GLU D 178 0.77 -5.35 26.10
N THR D 179 1.70 -4.63 25.46
CA THR D 179 1.42 -3.27 24.96
C THR D 179 0.95 -3.35 23.49
N LEU D 180 1.76 -3.95 22.63
CA LEU D 180 1.52 -3.97 21.17
C LEU D 180 0.36 -4.82 20.65
N LEU D 181 -0.03 -5.89 21.32
CA LEU D 181 -1.15 -6.71 20.79
C LEU D 181 -2.40 -6.52 21.60
N ARG D 182 -2.43 -5.46 22.41
CA ARG D 182 -3.61 -5.09 23.16
C ARG D 182 -4.50 -4.19 22.31
N THR D 183 -5.76 -4.10 22.69
CA THR D 183 -6.55 -2.93 22.32
C THR D 183 -7.01 -2.28 23.58
N ASP D 184 -6.99 -0.97 23.63
CA ASP D 184 -7.69 -0.24 24.67
C ASP D 184 -8.85 0.44 23.97
N SER D 185 -10.05 0.06 24.34
CA SER D 185 -11.23 0.70 23.84
C SER D 185 -11.32 2.14 24.33
N PRO D 186 -11.82 3.02 23.48
CA PRO D 186 -12.00 4.43 23.77
C PRO D 186 -13.06 4.68 24.83
N LYS D 187 -12.80 5.61 25.74
CA LYS D 187 -13.81 6.12 26.63
C LYS D 187 -14.39 7.31 25.87
N ALA D 188 -15.68 7.21 25.53
CA ALA D 188 -16.31 8.19 24.71
C ALA D 188 -17.50 8.78 25.44
N HIS D 189 -17.78 10.05 25.17
CA HIS D 189 -18.96 10.67 25.70
C HIS D 189 -19.16 11.93 24.90
N VAL D 190 -20.31 12.60 25.12
CA VAL D 190 -20.71 13.78 24.37
C VAL D 190 -20.81 14.97 25.30
N THR D 191 -20.15 16.07 24.96
CA THR D 191 -20.32 17.28 25.80
C THR D 191 -21.16 18.29 25.04
N TYR D 192 -21.66 19.30 25.75
CA TYR D 192 -22.61 20.28 25.22
C TYR D 192 -22.05 21.63 25.55
N HIS D 193 -22.06 22.57 24.58
CA HIS D 193 -21.47 23.89 24.79
C HIS D 193 -22.31 24.98 24.16
N PRO D 194 -22.92 25.84 25.00
CA PRO D 194 -23.70 26.88 24.39
C PRO D 194 -22.84 27.84 23.58
N ARG D 195 -23.49 28.63 22.74
CA ARG D 195 -22.80 29.58 21.88
C ARG D 195 -23.67 30.80 21.68
N SER D 196 -24.82 30.58 21.05
CA SER D 196 -25.64 31.66 20.57
C SER D 196 -27.12 31.37 20.82
N GLN D 197 -27.95 32.30 20.41
CA GLN D 197 -29.37 32.09 20.39
C GLN D 197 -29.65 30.94 19.42
N VAL D 198 -29.02 30.94 18.26
CA VAL D 198 -29.41 29.99 17.23
C VAL D 198 -28.60 28.68 17.20
N ASP D 199 -27.39 28.63 17.78
CA ASP D 199 -26.49 27.44 17.71
C ASP D 199 -25.99 26.97 19.08
N VAL D 200 -25.59 25.70 19.12
CA VAL D 200 -24.79 25.19 20.18
C VAL D 200 -23.78 24.28 19.53
N THR D 201 -22.78 23.84 20.29
CA THR D 201 -21.87 22.85 19.80
C THR D 201 -22.01 21.62 20.68
N LEU D 202 -22.04 20.43 20.05
CA LEU D 202 -21.89 19.14 20.71
C LEU D 202 -20.57 18.57 20.28
N ARG D 203 -19.88 17.93 21.22
CA ARG D 203 -18.59 17.45 20.94
C ARG D 203 -18.54 16.00 21.37
N CYS D 204 -18.19 15.14 20.43
CA CYS D 204 -18.05 13.72 20.66
C CYS D 204 -16.60 13.44 20.92
N TRP D 205 -16.31 12.87 22.06
CA TRP D 205 -14.96 12.67 22.50
C TRP D 205 -14.65 11.20 22.50
N ALA D 206 -13.40 10.87 22.19
CA ALA D 206 -12.94 9.52 22.28
C ALA D 206 -11.57 9.53 22.95
N LEU D 207 -11.45 8.93 24.11
CA LEU D 207 -10.23 9.10 24.86
C LEU D 207 -9.68 7.76 25.35
N GLY D 208 -8.36 7.65 25.34
CA GLY D 208 -7.63 6.54 25.96
C GLY D 208 -7.61 5.27 25.14
N PHE D 209 -7.62 5.44 23.80
CA PHE D 209 -7.70 4.33 22.88
C PHE D 209 -6.38 4.04 22.16
N TYR D 210 -6.29 2.77 21.80
CA TYR D 210 -5.18 2.18 21.14
C TYR D 210 -5.74 0.97 20.41
N PRO D 211 -5.39 0.79 19.13
CA PRO D 211 -4.46 1.61 18.38
C PRO D 211 -5.09 2.93 17.92
N ALA D 212 -4.30 3.75 17.22
CA ALA D 212 -4.66 5.13 16.89
C ALA D 212 -5.86 5.29 15.98
N ASP D 213 -6.01 4.38 15.02
CA ASP D 213 -7.10 4.39 14.03
C ASP D 213 -8.49 4.33 14.74
N ILE D 214 -9.38 5.20 14.30
CA ILE D 214 -10.68 5.41 14.93
C ILE D 214 -11.49 6.24 13.91
N THR D 215 -12.79 6.03 13.86
CA THR D 215 -13.63 6.91 13.05
C THR D 215 -14.86 7.37 13.84
N LEU D 216 -15.12 8.66 13.78
CA LEU D 216 -16.22 9.29 14.51
C LEU D 216 -17.14 9.91 13.49
N THR D 217 -18.43 9.61 13.59
CA THR D 217 -19.41 10.21 12.73
C THR D 217 -20.52 10.83 13.57
N TRP D 218 -21.14 11.88 13.05
CA TRP D 218 -22.36 12.41 13.59
C TRP D 218 -23.52 12.16 12.59
N GLN D 219 -24.67 11.74 13.11
CA GLN D 219 -25.91 11.59 12.32
C GLN D 219 -26.98 12.52 12.85
N LEU D 220 -27.79 13.10 11.95
CA LEU D 220 -29.03 13.84 12.30
C LEU D 220 -30.26 12.95 12.15
N ASN D 221 -30.78 12.51 13.29
CA ASN D 221 -31.74 11.42 13.34
C ASN D 221 -31.16 10.23 12.53
N GLY D 222 -31.91 9.70 11.57
CA GLY D 222 -31.39 8.55 10.82
C GLY D 222 -30.11 8.80 10.02
N GLU D 223 -29.95 10.03 9.52
CA GLU D 223 -29.08 10.30 8.36
C GLU D 223 -27.70 10.84 8.71
N ASP D 224 -26.68 10.22 8.11
CA ASP D 224 -25.30 10.68 8.23
C ASP D 224 -25.28 12.11 7.66
N LEU D 225 -24.73 13.05 8.43
CA LEU D 225 -24.42 14.38 7.90
C LEU D 225 -23.16 14.91 8.58
N THR D 226 -22.03 14.60 7.94
CA THR D 226 -20.69 15.04 8.38
C THR D 226 -20.16 16.27 7.59
N GLN D 227 -21.08 17.03 6.98
CA GLN D 227 -20.85 18.45 6.62
C GLN D 227 -21.26 19.32 7.80
N ASP D 228 -20.56 20.43 8.01
CA ASP D 228 -20.73 21.26 9.22
C ASP D 228 -20.08 20.56 10.47
N MET D 229 -19.39 19.43 10.28
CA MET D 229 -18.66 18.78 11.39
C MET D 229 -17.17 19.18 11.47
N GLU D 230 -16.73 19.74 12.62
CA GLU D 230 -15.29 19.96 12.85
C GLU D 230 -14.67 18.75 13.56
N LEU D 231 -13.47 18.44 13.18
CA LEU D 231 -12.80 17.21 13.57
C LEU D 231 -11.36 17.61 13.83
N VAL D 232 -10.81 17.22 14.98
CA VAL D 232 -9.37 17.42 15.24
C VAL D 232 -8.57 16.20 14.79
N GLU D 233 -7.31 16.39 14.46
CA GLU D 233 -6.40 15.25 14.22
C GLU D 233 -6.20 14.41 15.48
N THR D 234 -5.95 13.12 15.30
CA THR D 234 -5.76 12.19 16.43
C THR D 234 -4.47 12.59 17.10
N ARG D 235 -4.48 12.61 18.43
CA ARG D 235 -3.41 13.20 19.23
C ARG D 235 -3.00 12.24 20.38
N PRO D 236 -1.70 12.12 20.67
CA PRO D 236 -1.29 11.21 21.74
C PRO D 236 -1.57 11.81 23.11
N ALA D 237 -2.05 10.98 24.04
CA ALA D 237 -2.34 11.47 25.39
C ALA D 237 -1.06 11.68 26.21
N GLY D 238 0.01 11.01 25.81
CA GLY D 238 1.30 11.05 26.50
C GLY D 238 1.51 9.81 27.35
N ASP D 239 0.53 8.92 27.32
CA ASP D 239 0.48 7.72 28.14
C ASP D 239 0.27 6.50 27.27
N GLY D 240 0.73 6.54 26.03
CA GLY D 240 0.65 5.40 25.10
C GLY D 240 -0.69 5.20 24.43
N THR D 241 -1.69 6.05 24.74
CA THR D 241 -3.00 6.00 24.07
C THR D 241 -3.34 7.30 23.36
N PHE D 242 -4.43 7.31 22.62
CA PHE D 242 -4.73 8.45 21.73
C PHE D 242 -6.08 9.06 22.05
N GLN D 243 -6.36 10.20 21.43
CA GLN D 243 -7.60 10.98 21.65
C GLN D 243 -8.08 11.60 20.35
N LYS D 244 -9.39 11.81 20.24
CA LYS D 244 -9.95 12.52 19.06
C LYS D 244 -11.28 13.06 19.45
N TRP D 245 -11.69 14.13 18.79
CA TRP D 245 -13.07 14.60 18.90
C TRP D 245 -13.60 15.10 17.58
N ALA D 246 -14.92 15.02 17.48
CA ALA D 246 -15.66 15.56 16.36
C ALA D 246 -16.81 16.36 16.97
N ALA D 247 -17.01 17.56 16.46
CA ALA D 247 -18.06 18.41 16.95
C ALA D 247 -18.89 18.87 15.77
N VAL D 248 -20.17 19.05 16.05
CA VAL D 248 -21.10 19.55 15.13
C VAL D 248 -21.81 20.71 15.80
N VAL D 249 -22.06 21.76 15.00
CA VAL D 249 -22.87 22.92 15.35
C VAL D 249 -24.31 22.73 14.86
N VAL D 250 -25.24 22.78 15.81
CA VAL D 250 -26.61 22.29 15.65
C VAL D 250 -27.59 23.33 16.21
N PRO D 251 -28.85 23.36 15.74
CA PRO D 251 -29.74 24.40 16.26
C PRO D 251 -30.16 24.23 17.73
N LEU D 252 -30.28 25.35 18.42
CA LEU D 252 -30.72 25.38 19.84
C LEU D 252 -32.04 24.66 19.94
N GLY D 253 -32.18 23.76 20.91
CA GLY D 253 -33.41 22.97 21.06
C GLY D 253 -33.41 21.66 20.26
N LYS D 254 -32.37 21.42 19.44
CA LYS D 254 -32.41 20.26 18.51
C LYS D 254 -31.35 19.24 18.81
N GLU D 255 -30.78 19.31 20.01
CA GLU D 255 -29.58 18.53 20.36
C GLU D 255 -29.81 17.02 20.45
N GLN D 256 -31.03 16.64 20.79
CA GLN D 256 -31.38 15.25 21.05
C GLN D 256 -31.50 14.50 19.74
N ASN D 257 -31.67 15.22 18.64
CA ASN D 257 -31.86 14.60 17.34
C ASN D 257 -30.55 14.15 16.71
N TYR D 258 -29.43 14.37 17.41
CA TYR D 258 -28.12 14.06 16.87
C TYR D 258 -27.50 12.93 17.65
N THR D 259 -26.76 12.07 16.96
CA THR D 259 -26.12 10.95 17.57
C THR D 259 -24.69 10.90 17.06
N CYS D 260 -23.76 10.59 17.95
CA CYS D 260 -22.38 10.41 17.58
C CYS D 260 -22.12 8.94 17.57
N HIS D 261 -21.27 8.46 16.66
CA HIS D 261 -21.04 7.02 16.45
C HIS D 261 -19.55 6.75 16.39
N VAL D 262 -19.03 5.90 17.26
CA VAL D 262 -17.58 5.70 17.43
C VAL D 262 -17.21 4.31 16.93
N HIS D 263 -16.20 4.23 16.07
CA HIS D 263 -15.84 2.97 15.47
C HIS D 263 -14.39 2.71 15.81
N HIS D 264 -14.14 1.66 16.58
CA HIS D 264 -12.78 1.35 17.01
C HIS D 264 -12.61 -0.15 17.10
N LYS D 265 -11.41 -0.64 16.80
CA LYS D 265 -11.12 -2.06 16.83
C LYS D 265 -11.50 -2.69 18.17
N GLY D 266 -11.32 -1.94 19.23
CA GLY D 266 -11.56 -2.40 20.59
C GLY D 266 -12.98 -2.49 20.99
N LEU D 267 -13.89 -1.96 20.20
CA LEU D 267 -15.33 -2.04 20.50
C LEU D 267 -15.94 -3.25 19.78
N PRO D 268 -16.88 -3.97 20.42
CA PRO D 268 -17.47 -5.17 19.79
C PRO D 268 -18.43 -4.79 18.67
N GLU D 269 -19.12 -3.68 18.85
CA GLU D 269 -19.82 -3.02 17.81
C GLU D 269 -19.61 -1.51 18.03
N PRO D 270 -19.92 -0.69 17.03
CA PRO D 270 -19.89 0.77 17.24
C PRO D 270 -20.81 1.35 18.37
N LEU D 271 -20.33 2.42 19.00
CA LEU D 271 -21.08 3.11 20.05
C LEU D 271 -21.88 4.18 19.40
N THR D 272 -23.17 4.16 19.67
CA THR D 272 -24.05 5.29 19.34
C THR D 272 -24.18 6.07 20.64
N LEU D 273 -23.84 7.37 20.60
CA LEU D 273 -23.97 8.30 21.72
C LEU D 273 -25.01 9.39 21.45
N ARG D 274 -25.79 9.73 22.48
CA ARG D 274 -26.82 10.77 22.42
C ARG D 274 -26.68 11.69 23.64
N TRP D 275 -26.46 12.99 23.43
CA TRP D 275 -26.46 13.94 24.55
C TRP D 275 -27.84 13.87 25.22
N LYS D 276 -27.85 13.86 26.55
CA LYS D 276 -29.10 14.04 27.31
C LYS D 276 -28.92 15.13 28.38
N PRO D 277 -29.86 16.06 28.44
CA PRO D 277 -29.63 17.20 29.34
C PRO D 277 -29.44 16.72 30.77
N MET E 1 13.66 22.59 -1.91
CA MET E 1 13.32 22.78 -0.49
C MET E 1 11.83 23.12 -0.33
N ILE E 2 11.17 22.42 0.59
CA ILE E 2 9.79 22.71 1.03
C ILE E 2 9.67 22.90 2.58
N GLN E 3 9.06 23.99 3.00
CA GLN E 3 8.86 24.22 4.41
C GLN E 3 7.40 24.11 4.76
N ARG E 4 7.14 23.62 5.98
CA ARG E 4 5.79 23.37 6.44
C ARG E 4 5.64 23.92 7.83
N THR E 5 4.51 24.59 8.05
CA THR E 5 4.27 25.34 9.27
C THR E 5 3.77 24.38 10.35
N PRO E 6 3.98 24.70 11.62
CA PRO E 6 3.50 23.79 12.67
C PRO E 6 1.99 23.87 12.92
N LYS E 7 1.37 22.71 13.08
CA LYS E 7 -0.04 22.62 13.38
C LYS E 7 0.00 22.12 14.83
N ILE E 8 -0.74 22.76 15.70
CA ILE E 8 -0.52 22.67 17.13
C ILE E 8 -1.85 22.36 17.75
N GLN E 9 -1.85 21.60 18.84
CA GLN E 9 -3.04 21.39 19.69
C GLN E 9 -2.55 21.37 21.11
N VAL E 10 -3.27 22.03 22.00
CA VAL E 10 -2.96 22.10 23.42
C VAL E 10 -4.15 21.45 24.13
N TYR E 11 -3.90 20.44 24.96
CA TYR E 11 -4.99 19.70 25.57
C TYR E 11 -4.46 19.03 26.80
N SER E 12 -5.35 18.61 27.71
CA SER E 12 -4.89 17.81 28.86
C SER E 12 -4.96 16.34 28.56
N ARG E 13 -4.13 15.53 29.23
CA ARG E 13 -4.22 14.09 29.13
C ARG E 13 -5.57 13.51 29.64
N HIS E 14 -6.06 13.99 30.79
CA HIS E 14 -7.30 13.50 31.37
C HIS E 14 -8.26 14.66 31.40
N PRO E 15 -9.57 14.38 31.41
CA PRO E 15 -10.52 15.49 31.49
C PRO E 15 -10.23 16.38 32.68
N ALA E 16 -10.16 17.69 32.47
CA ALA E 16 -9.72 18.58 33.55
C ALA E 16 -10.62 18.57 34.80
N GLU E 17 -10.05 18.31 35.96
CA GLU E 17 -10.69 18.64 37.22
C GLU E 17 -9.83 19.57 38.06
N ASN E 18 -10.42 20.68 38.49
CA ASN E 18 -9.69 21.68 39.23
C ASN E 18 -9.13 21.10 40.50
N GLY E 19 -7.84 21.28 40.75
CA GLY E 19 -7.24 20.80 42.01
C GLY E 19 -6.88 19.33 41.94
N LYS E 20 -6.97 18.74 40.76
CA LYS E 20 -6.62 17.34 40.53
C LYS E 20 -5.46 17.31 39.53
N SER E 21 -4.43 16.54 39.83
CA SER E 21 -3.23 16.46 39.02
C SER E 21 -3.55 15.87 37.65
N ASN E 22 -2.83 16.36 36.63
CA ASN E 22 -3.13 16.04 35.25
C ASN E 22 -1.85 16.32 34.42
N PHE E 23 -1.84 16.04 33.11
CA PHE E 23 -0.71 16.47 32.29
C PHE E 23 -1.20 17.49 31.25
N LEU E 24 -0.43 18.56 31.03
CA LEU E 24 -0.72 19.52 29.98
C LEU E 24 0.16 19.15 28.81
N ASN E 25 -0.49 19.01 27.65
CA ASN E 25 0.13 18.64 26.42
C ASN E 25 0.04 19.71 25.37
N CYS E 26 1.10 19.83 24.56
CA CYS E 26 1.10 20.62 23.37
C CYS E 26 1.65 19.73 22.24
N TYR E 27 0.78 19.32 21.33
CA TYR E 27 1.14 18.49 20.18
C TYR E 27 1.49 19.33 18.99
N VAL E 28 2.67 19.13 18.45
CA VAL E 28 3.14 19.99 17.37
C VAL E 28 3.60 19.14 16.22
N SER E 29 2.94 19.30 15.07
CA SER E 29 3.13 18.42 13.89
C SER E 29 2.92 19.13 12.55
N GLY E 30 3.24 18.45 11.45
CA GLY E 30 3.07 18.98 10.08
C GLY E 30 4.11 20.04 9.74
N PHE E 31 5.25 20.02 10.47
CA PHE E 31 6.31 21.05 10.31
C PHE E 31 7.64 20.56 9.71
N HIS E 32 8.22 21.43 8.88
CA HIS E 32 9.56 21.22 8.29
C HIS E 32 10.19 22.57 8.05
N PRO E 33 11.44 22.78 8.49
CA PRO E 33 12.37 21.90 9.13
C PRO E 33 12.15 21.63 10.64
N SER E 34 13.02 20.79 11.21
CA SER E 34 12.82 20.29 12.55
C SER E 34 13.02 21.31 13.67
N ASP E 35 13.85 22.33 13.42
CA ASP E 35 14.20 23.36 14.42
C ASP E 35 12.90 24.01 14.85
N ILE E 36 12.69 24.09 16.17
CA ILE E 36 11.38 24.47 16.69
C ILE E 36 11.42 24.82 18.16
N GLU E 37 10.74 25.92 18.50
CA GLU E 37 10.64 26.34 19.88
C GLU E 37 9.23 26.22 20.34
N VAL E 38 9.09 25.48 21.43
CA VAL E 38 7.84 25.23 22.07
C VAL E 38 8.02 25.52 23.54
N ASP E 39 7.17 26.38 24.09
CA ASP E 39 7.16 26.59 25.54
C ASP E 39 5.73 26.46 26.03
N LEU E 40 5.53 25.78 27.16
CA LEU E 40 4.25 25.88 27.88
C LEU E 40 4.29 27.04 28.83
N LEU E 41 3.22 27.84 28.84
CA LEU E 41 3.12 29.00 29.70
C LEU E 41 2.01 28.84 30.78
N LYS E 42 2.26 29.32 32.00
CA LYS E 42 1.26 29.46 33.05
C LYS E 42 1.07 30.94 33.34
N ASN E 43 -0.12 31.45 33.06
CA ASN E 43 -0.40 32.87 33.21
C ASN E 43 0.62 33.74 32.49
N GLY E 44 0.98 33.36 31.25
CA GLY E 44 1.92 34.15 30.46
C GLY E 44 3.41 33.93 30.72
N GLU E 45 3.78 33.17 31.75
N GLU E 45 3.74 33.15 31.75
CA GLU E 45 5.20 32.95 32.04
CA GLU E 45 5.12 32.88 32.20
C GLU E 45 5.59 31.49 31.91
C GLU E 45 5.56 31.46 31.86
N ARG E 46 6.80 31.31 31.38
CA ARG E 46 7.35 29.99 31.01
C ARG E 46 7.39 28.91 32.11
N ILE E 47 6.86 27.73 31.80
CA ILE E 47 7.01 26.58 32.67
C ILE E 47 8.35 25.94 32.33
N GLU E 48 9.11 25.63 33.36
CA GLU E 48 10.38 24.89 33.24
C GLU E 48 10.01 23.43 33.53
N LYS E 49 10.84 22.46 33.17
CA LYS E 49 10.46 21.06 33.44
C LYS E 49 9.35 20.69 32.46
N VAL E 50 9.56 21.08 31.23
CA VAL E 50 8.81 20.56 30.14
C VAL E 50 9.68 19.50 29.48
N GLU E 51 9.04 18.41 29.06
CA GLU E 51 9.70 17.28 28.40
C GLU E 51 9.11 17.19 27.01
N HIS E 52 9.77 16.48 26.13
CA HIS E 52 9.13 16.23 24.85
C HIS E 52 9.52 14.86 24.38
N SER E 53 8.78 14.37 23.40
CA SER E 53 9.03 13.05 22.84
C SER E 53 10.20 13.11 21.87
N ASP E 54 10.75 11.95 21.57
CA ASP E 54 11.77 11.87 20.54
C ASP E 54 11.21 12.36 19.20
N LEU E 55 11.97 13.22 18.53
CA LEU E 55 11.63 13.70 17.17
C LEU E 55 11.33 12.54 16.21
N SER E 56 10.18 12.62 15.57
CA SER E 56 9.84 11.68 14.49
C SER E 56 9.14 12.41 13.36
N PHE E 57 8.82 11.67 12.31
CA PHE E 57 8.08 12.27 11.22
C PHE E 57 7.12 11.29 10.55
N SER E 58 6.26 11.88 9.71
CA SER E 58 5.10 11.24 9.08
C SER E 58 5.38 10.87 7.63
N LYS E 59 4.40 10.20 6.97
CA LYS E 59 4.56 9.77 5.55
C LYS E 59 5.06 10.87 4.62
N ASP E 60 4.56 12.08 4.82
CA ASP E 60 4.91 13.24 3.96
C ASP E 60 6.24 13.93 4.39
N TRP E 61 7.03 13.27 5.26
CA TRP E 61 8.32 13.77 5.78
C TRP E 61 8.22 14.81 6.89
N SER E 62 7.03 15.29 7.21
CA SER E 62 6.87 16.33 8.22
C SER E 62 6.97 15.78 9.65
N PHE E 63 7.58 16.59 10.50
CA PHE E 63 7.91 16.21 11.88
C PHE E 63 6.75 16.36 12.81
N TYR E 64 6.90 15.76 13.98
CA TYR E 64 5.92 15.90 15.06
C TYR E 64 6.60 15.68 16.43
N LEU E 65 6.14 16.42 17.43
CA LEU E 65 6.71 16.34 18.77
C LEU E 65 5.58 16.57 19.74
N LEU E 66 5.62 15.85 20.85
CA LEU E 66 4.74 16.11 21.96
C LEU E 66 5.53 16.72 23.11
N TYR E 67 5.12 17.93 23.54
CA TYR E 67 5.66 18.57 24.73
C TYR E 67 4.66 18.47 25.89
N TYR E 68 5.16 18.26 27.09
CA TYR E 68 4.26 18.06 28.24
C TYR E 68 4.91 18.40 29.56
N THR E 69 4.05 18.69 30.54
CA THR E 69 4.46 18.85 31.93
C THR E 69 3.32 18.43 32.84
N GLU E 70 3.67 17.99 34.04
CA GLU E 70 2.70 17.71 35.09
C GLU E 70 2.11 19.07 35.50
N PHE E 71 0.80 19.12 35.74
CA PHE E 71 0.17 20.36 36.18
C PHE E 71 -1.16 20.06 36.88
N THR E 72 -1.65 21.05 37.62
CA THR E 72 -2.88 20.91 38.38
C THR E 72 -3.78 22.06 38.00
N PRO E 73 -4.77 21.81 37.13
CA PRO E 73 -5.49 22.97 36.68
C PRO E 73 -6.36 23.53 37.78
N THR E 74 -6.92 24.68 37.47
CA THR E 74 -7.48 25.55 38.45
C THR E 74 -8.54 26.35 37.73
N GLU E 75 -9.52 26.86 38.46
CA GLU E 75 -10.53 27.73 37.85
C GLU E 75 -9.89 28.93 37.19
N LYS E 76 -8.92 29.54 37.86
CA LYS E 76 -8.34 30.84 37.46
C LYS E 76 -7.23 30.82 36.42
N ASP E 77 -6.47 29.72 36.36
CA ASP E 77 -5.15 29.70 35.72
C ASP E 77 -5.23 29.46 34.23
N GLU E 78 -4.53 30.29 33.47
CA GLU E 78 -4.49 30.19 32.02
C GLU E 78 -3.23 29.43 31.64
N TYR E 79 -3.38 28.47 30.74
CA TYR E 79 -2.22 27.76 30.23
C TYR E 79 -2.22 27.94 28.76
N ALA E 80 -1.05 28.13 28.17
CA ALA E 80 -0.93 28.21 26.73
C ALA E 80 0.31 27.50 26.16
N CYS E 81 0.28 27.25 24.85
CA CYS E 81 1.47 26.76 24.15
C CYS E 81 1.96 27.87 23.26
N ARG E 82 3.26 28.17 23.33
CA ARG E 82 3.87 29.20 22.51
C ARG E 82 4.84 28.46 21.60
N VAL E 83 4.57 28.56 20.32
CA VAL E 83 5.36 27.90 19.31
C VAL E 83 5.99 28.94 18.41
N ASN E 84 7.21 28.70 17.98
CA ASN E 84 7.87 29.55 17.00
C ASN E 84 8.73 28.69 16.08
N HIS E 85 8.87 29.12 14.84
CA HIS E 85 9.35 28.25 13.78
C HIS E 85 9.72 29.11 12.59
N VAL E 86 10.61 28.58 11.75
CA VAL E 86 11.18 29.39 10.68
C VAL E 86 10.12 29.83 9.66
N THR E 87 8.93 29.20 9.65
CA THR E 87 7.86 29.64 8.74
C THR E 87 7.11 30.83 9.25
N LEU E 88 7.24 31.14 10.53
CA LEU E 88 6.50 32.25 11.13
C LEU E 88 7.37 33.47 11.42
N SER E 89 6.78 34.66 11.32
CA SER E 89 7.48 35.89 11.66
C SER E 89 7.32 36.27 13.13
N GLN E 90 6.43 35.56 13.82
CA GLN E 90 6.23 35.73 15.27
C GLN E 90 5.67 34.45 15.89
N PRO E 91 5.80 34.29 17.22
CA PRO E 91 5.28 33.05 17.78
C PRO E 91 3.75 33.04 17.82
N LYS E 92 3.13 31.90 17.49
CA LYS E 92 1.74 31.63 17.80
C LYS E 92 1.56 31.17 19.26
N ILE E 93 0.58 31.74 19.94
CA ILE E 93 0.20 31.31 21.27
C ILE E 93 -1.20 30.67 21.15
N VAL E 94 -1.31 29.41 21.55
CA VAL E 94 -2.60 28.71 21.57
C VAL E 94 -3.00 28.48 23.00
N LYS E 95 -4.17 28.96 23.35
CA LYS E 95 -4.65 28.85 24.72
C LYS E 95 -5.15 27.43 24.95
N TRP E 96 -4.82 26.89 26.11
CA TRP E 96 -5.46 25.64 26.57
C TRP E 96 -6.91 25.92 26.94
N ASP E 97 -7.81 25.21 26.28
CA ASP E 97 -9.25 25.19 26.54
C ASP E 97 -9.58 23.81 26.94
N ARG E 98 -9.95 23.61 28.20
CA ARG E 98 -10.21 22.24 28.71
C ARG E 98 -11.30 21.47 27.99
N ASP E 99 -12.20 22.15 27.27
CA ASP E 99 -13.19 21.42 26.45
C ASP E 99 -12.72 21.20 24.98
N MET E 100 -11.42 21.40 24.70
CA MET E 100 -10.95 21.18 23.32
C MET E 100 -9.73 20.27 23.27
N LEU F 1 15.04 -3.99 13.76
CA LEU F 1 16.49 -4.11 13.46
C LEU F 1 16.99 -3.03 12.49
N TYR F 2 18.00 -2.30 12.93
CA TYR F 2 18.49 -1.17 12.18
C TYR F 2 19.38 -1.59 10.99
N LEU F 3 19.00 -1.12 9.79
CA LEU F 3 19.75 -1.43 8.58
C LEU F 3 20.62 -0.25 8.28
N VAL F 4 21.94 -0.48 8.31
CA VAL F 4 22.91 0.53 7.90
C VAL F 4 22.72 0.76 6.41
N CYS F 5 22.94 1.97 5.93
CA CYS F 5 22.98 2.22 4.50
C CYS F 5 24.26 1.64 3.92
N GLY F 6 24.23 1.29 2.62
CA GLY F 6 25.40 0.76 1.93
C GLY F 6 26.26 1.87 1.37
N GLU F 7 26.23 2.00 0.04
CA GLU F 7 26.91 3.08 -0.69
C GLU F 7 26.25 4.42 -0.41
N ARG F 8 27.08 5.47 -0.52
CA ARG F 8 26.71 6.84 -0.10
C ARG F 8 25.99 7.62 -1.21
N GLY F 9 25.63 8.88 -0.95
CA GLY F 9 24.79 9.64 -1.86
C GLY F 9 25.49 10.05 -3.14
C1 EDO G . 12.14 -38.59 -18.69
O1 EDO G . 13.26 -39.19 -17.99
C2 EDO G . 11.03 -38.22 -17.69
O2 EDO G . 10.87 -36.81 -17.51
S SO4 H . -10.28 -3.30 12.47
O1 SO4 H . -10.67 -4.49 13.25
O2 SO4 H . -10.32 -2.08 13.28
O3 SO4 H . -8.90 -3.44 11.97
O4 SO4 H . -11.25 -3.17 11.38
S SO4 I . 9.14 -15.85 -27.06
O1 SO4 I . 8.74 -16.12 -25.68
O2 SO4 I . 9.13 -14.37 -26.93
O3 SO4 I . 10.41 -16.41 -27.48
O4 SO4 I . 8.16 -16.44 -27.99
S SO4 J . 11.48 -9.83 -19.98
O1 SO4 J . 10.87 -10.46 -18.80
O2 SO4 J . 12.58 -8.96 -19.55
O3 SO4 J . 11.95 -10.93 -20.79
O4 SO4 J . 10.60 -8.95 -20.75
S SO4 K . -9.19 15.79 27.52
O1 SO4 K . -8.87 14.53 28.20
O2 SO4 K . -9.69 16.77 28.51
O3 SO4 K . -8.09 16.38 26.73
O4 SO4 K . -10.30 15.55 26.62
#